data_5E4N
#
_entry.id   5E4N
#
_cell.length_a   205.739
_cell.length_b   205.739
_cell.length_c   66.644
_cell.angle_alpha   90.000
_cell.angle_beta   90.000
_cell.angle_gamma   120.000
#
_symmetry.space_group_name_H-M   'P 32 2 1'
#
loop_
_entity.id
_entity.type
_entity.pdbx_description
1 polymer '3-deoxy-D-arabinoheptulosonate-7-phosphate synthase'
2 non-polymer 'SULFATE ION'
3 non-polymer 'CHLORIDE ION'
4 non-polymer 'MANGANESE (II) ION'
5 non-polymer D-TYROSINE
6 water water
#
_entity_poly.entity_id   1
_entity_poly.type   'polypeptide(L)'
_entity_poly.pdbx_seq_one_letter_code
;GAMNWTVDIPIDQLPSLPPLPTDLRTRLDAALAKPAAQQPTWPADQALAMRTVLESVPPVTVPSEIVRLQEQLAQVAKGE
AFLLQGGDCAETFMDNTEPHIRGNVRALLQMAVVLTYGASMPVVKVARIAGQYAKPRSADIDALGLRSYRGDMINGFAPD
AAAREHDPSRLVRAYANASAAMNLVRALTSSGLASLHLVHDWNREFVRTSPAGARYEALATEIDRGLRFMSACGVADRNL
QTAEIYASHEALVLDYERAMLRLSDGDDGEPQLFDLSAHTVWIGERTRQIDGAHIAFAQVIANPVGVKLGPNMTPELAVE
YVERLDPHNKPGRLTLVSRMGNHKVRDLLPPIVEKVQATGHQVIWQCDPMHGNTHESSTGFKTRHFDRIVDEVQGFFEVH
RALGTHPGGIHVEITGENVTECLGGAQDISETDLAGRYETACDPRLNTQQSLELAFLVAEMLRD
;
_entity_poly.pdbx_strand_id   A,B
#
loop_
_chem_comp.id
_chem_comp.type
_chem_comp.name
_chem_comp.formula
CL non-polymer 'CHLORIDE ION' 'Cl -1'
MN non-polymer 'MANGANESE (II) ION' 'Mn 2'
SO4 non-polymer 'SULFATE ION' 'O4 S -2'
#
# COMPACT_ATOMS: atom_id res chain seq x y z
N MET A 3 -17.62 14.12 -23.67
CA MET A 3 -17.43 15.47 -24.28
C MET A 3 -16.97 16.59 -23.33
N ASN A 4 -16.65 16.26 -22.06
CA ASN A 4 -16.08 17.25 -21.13
C ASN A 4 -14.87 16.73 -20.31
N TRP A 5 -14.23 15.66 -20.77
CA TRP A 5 -12.96 15.16 -20.23
C TRP A 5 -13.05 14.60 -18.81
N THR A 6 -14.04 13.73 -18.64
CA THR A 6 -14.30 13.06 -17.39
C THR A 6 -14.62 11.61 -17.70
N VAL A 7 -14.26 10.72 -16.77
CA VAL A 7 -14.71 9.34 -16.82
C VAL A 7 -15.38 9.03 -15.50
N ASP A 8 -16.55 8.40 -15.57
CA ASP A 8 -17.30 8.03 -14.40
C ASP A 8 -16.95 6.63 -14.03
N ILE A 9 -16.77 6.39 -12.74
CA ILE A 9 -16.41 5.08 -12.28
C ILE A 9 -17.55 4.57 -11.42
N PRO A 10 -18.29 3.57 -11.90
CA PRO A 10 -19.38 3.02 -11.13
C PRO A 10 -18.97 2.57 -9.75
N ILE A 11 -19.80 2.93 -8.80
CA ILE A 11 -19.67 2.52 -7.42
C ILE A 11 -20.71 1.45 -7.27
N ASP A 12 -20.33 0.20 -7.49
CA ASP A 12 -21.32 -0.83 -7.36
C ASP A 12 -21.54 -1.04 -5.88
N GLN A 13 -22.79 -1.25 -5.53
CA GLN A 13 -23.15 -1.64 -4.18
C GLN A 13 -22.81 -3.11 -4.04
N LEU A 14 -22.10 -3.41 -2.96
CA LEU A 14 -21.69 -4.76 -2.65
C LEU A 14 -22.19 -5.04 -1.25
N PRO A 15 -22.43 -6.33 -0.94
CA PRO A 15 -22.99 -6.63 0.38
C PRO A 15 -22.12 -6.06 1.52
N SER A 16 -22.80 -5.67 2.59
CA SER A 16 -22.13 -5.17 3.79
C SER A 16 -21.52 -6.31 4.63
N LEU A 17 -20.35 -6.04 5.20
CA LEU A 17 -19.76 -6.87 6.24
C LEU A 17 -20.54 -6.63 7.55
N PRO A 18 -20.26 -7.39 8.64
CA PRO A 18 -21.04 -7.15 9.87
C PRO A 18 -20.91 -5.71 10.39
N PRO A 19 -21.98 -5.14 10.98
CA PRO A 19 -21.86 -3.77 11.46
C PRO A 19 -20.93 -3.69 12.70
N LEU A 20 -20.54 -2.49 13.09
CA LEU A 20 -19.77 -2.32 14.32
C LEU A 20 -20.65 -2.74 15.52
N PRO A 21 -20.03 -3.09 16.66
CA PRO A 21 -20.86 -3.48 17.83
C PRO A 21 -21.86 -2.38 18.25
N THR A 22 -23.04 -2.81 18.66
CA THR A 22 -24.09 -1.90 19.06
C THR A 22 -23.68 -0.96 20.16
N ASP A 23 -22.96 -1.45 21.16
CA ASP A 23 -22.52 -0.55 22.23
C ASP A 23 -21.60 0.54 21.73
N LEU A 24 -20.60 0.18 20.93
CA LEU A 24 -19.71 1.18 20.36
C LEU A 24 -20.44 2.15 19.45
N ARG A 25 -21.38 1.66 18.62
CA ARG A 25 -22.17 2.57 17.74
C ARG A 25 -23.07 3.51 18.55
N THR A 26 -23.60 3.00 19.67
CA THR A 26 -24.33 3.84 20.62
C THR A 26 -23.46 5.01 21.13
N ARG A 27 -22.22 4.70 21.54
N ARG A 27 -22.22 4.72 21.53
CA ARG A 27 -21.29 5.73 21.97
CA ARG A 27 -21.32 5.78 21.96
C ARG A 27 -21.01 6.74 20.85
C ARG A 27 -21.03 6.75 20.84
N LEU A 28 -20.79 6.21 19.64
CA LEU A 28 -20.50 7.03 18.48
C LEU A 28 -21.65 7.97 18.14
N ASP A 29 -22.86 7.46 18.11
CA ASP A 29 -24.05 8.26 17.83
C ASP A 29 -24.19 9.40 18.83
N ALA A 30 -23.97 9.14 20.11
CA ALA A 30 -24.02 10.19 21.11
C ALA A 30 -22.99 11.27 20.86
N ALA A 31 -21.77 10.86 20.52
CA ALA A 31 -20.72 11.84 20.16
C ALA A 31 -21.07 12.64 18.91
N LEU A 32 -21.56 11.97 17.88
CA LEU A 32 -21.79 12.65 16.61
C LEU A 32 -23.09 13.42 16.60
N ALA A 33 -23.95 13.30 17.62
CA ALA A 33 -25.10 14.20 17.75
C ALA A 33 -24.67 15.60 18.12
N LYS A 34 -23.42 15.77 18.56
CA LYS A 34 -22.89 17.11 18.86
C LYS A 34 -22.70 17.91 17.61
N PRO A 35 -22.81 19.24 17.71
CA PRO A 35 -22.67 20.05 16.51
C PRO A 35 -21.25 20.01 15.92
N ALA A 36 -21.20 19.90 14.61
CA ALA A 36 -19.94 19.79 13.87
C ALA A 36 -19.80 20.99 12.95
N ALA A 37 -18.75 21.77 13.15
CA ALA A 37 -18.44 22.91 12.26
C ALA A 37 -17.82 22.47 10.93
N GLN A 38 -17.93 23.33 9.92
CA GLN A 38 -17.22 23.19 8.67
C GLN A 38 -17.53 21.92 7.91
N GLN A 39 -18.75 21.41 8.01
CA GLN A 39 -19.05 20.17 7.31
C GLN A 39 -19.58 20.46 5.92
N PRO A 40 -19.35 19.53 5.00
CA PRO A 40 -19.93 19.68 3.69
C PRO A 40 -21.46 19.72 3.78
N THR A 41 -22.09 20.36 2.81
CA THR A 41 -23.52 20.35 2.63
C THR A 41 -23.78 19.54 1.39
N TRP A 42 -24.06 18.27 1.57
CA TRP A 42 -24.39 17.37 0.50
C TRP A 42 -25.57 16.63 1.09
N PRO A 43 -26.46 16.10 0.26
CA PRO A 43 -27.62 15.44 0.87
C PRO A 43 -27.26 14.22 1.74
N ALA A 44 -27.96 14.10 2.87
CA ALA A 44 -27.76 13.01 3.83
C ALA A 44 -27.86 11.63 3.20
N ASP A 45 -28.85 11.44 2.34
CA ASP A 45 -29.02 10.16 1.74
C ASP A 45 -27.80 9.79 0.88
N GLN A 46 -27.24 10.75 0.15
CA GLN A 46 -26.06 10.47 -0.67
C GLN A 46 -24.83 10.21 0.19
N ALA A 47 -24.67 10.99 1.25
CA ALA A 47 -23.57 10.80 2.20
C ALA A 47 -23.63 9.39 2.78
N LEU A 48 -24.83 8.95 3.18
CA LEU A 48 -25.02 7.63 3.75
C LEU A 48 -24.60 6.54 2.79
N ALA A 49 -25.04 6.62 1.54
CA ALA A 49 -24.68 5.64 0.51
C ALA A 49 -23.17 5.54 0.34
N MET A 50 -22.49 6.68 0.38
CA MET A 50 -21.06 6.69 0.15
CA MET A 50 -21.04 6.71 0.17
C MET A 50 -20.34 6.14 1.39
N ARG A 51 -20.79 6.49 2.59
CA ARG A 51 -20.24 5.91 3.82
C ARG A 51 -20.38 4.39 3.84
N THR A 52 -21.49 3.91 3.32
CA THR A 52 -21.75 2.47 3.24
C THR A 52 -20.71 1.80 2.35
N VAL A 53 -20.34 2.43 1.24
CA VAL A 53 -19.26 1.89 0.40
C VAL A 53 -17.98 1.84 1.23
N LEU A 54 -17.67 2.92 1.93
CA LEU A 54 -16.39 3.00 2.61
C LEU A 54 -16.26 2.08 3.82
N GLU A 55 -17.42 1.69 4.38
CA GLU A 55 -17.43 0.83 5.55
C GLU A 55 -16.93 -0.55 5.20
N SER A 56 -16.94 -0.92 3.92
CA SER A 56 -16.46 -2.22 3.54
C SER A 56 -15.10 -2.26 2.79
N VAL A 57 -14.43 -1.12 2.59
CA VAL A 57 -13.19 -1.13 1.85
C VAL A 57 -12.03 -1.56 2.74
N PRO A 58 -10.95 -2.08 2.11
CA PRO A 58 -9.73 -2.35 2.90
C PRO A 58 -9.20 -1.11 3.56
N PRO A 59 -8.70 -1.23 4.79
CA PRO A 59 -8.34 -0.03 5.52
C PRO A 59 -7.07 0.59 4.98
N VAL A 60 -6.81 1.86 5.31
CA VAL A 60 -5.58 2.49 4.87
C VAL A 60 -4.40 2.09 5.77
N THR A 61 -4.68 2.05 7.07
CA THR A 61 -3.76 1.64 8.11
C THR A 61 -4.37 0.46 8.88
N VAL A 62 -3.57 -0.22 9.68
CA VAL A 62 -4.06 -1.31 10.52
C VAL A 62 -3.74 -1.04 12.00
N PRO A 63 -4.53 -1.62 12.92
CA PRO A 63 -4.39 -1.19 14.32
C PRO A 63 -3.00 -1.42 14.91
N SER A 64 -2.32 -2.49 14.50
CA SER A 64 -0.97 -2.75 15.04
C SER A 64 0.04 -1.66 14.73
N GLU A 65 -0.12 -0.98 13.60
CA GLU A 65 0.74 0.17 13.29
C GLU A 65 0.42 1.35 14.17
N ILE A 66 -0.86 1.53 14.45
CA ILE A 66 -1.28 2.62 15.32
C ILE A 66 -0.75 2.36 16.74
N VAL A 67 -0.87 1.12 17.21
CA VAL A 67 -0.34 0.78 18.53
C VAL A 67 1.17 1.03 18.55
N ARG A 68 1.86 0.72 17.46
CA ARG A 68 3.30 0.94 17.42
C ARG A 68 3.61 2.42 17.43
N LEU A 69 2.83 3.21 16.70
CA LEU A 69 3.04 4.66 16.73
C LEU A 69 2.83 5.20 18.15
N GLN A 70 1.78 4.74 18.82
N GLN A 70 1.79 4.70 18.82
CA GLN A 70 1.48 5.21 20.18
CA GLN A 70 1.46 5.15 20.19
C GLN A 70 2.67 4.98 21.12
C GLN A 70 2.68 4.98 21.11
N GLU A 71 3.35 3.83 20.99
CA GLU A 71 4.57 3.55 21.73
C GLU A 71 5.71 4.51 21.41
N GLN A 72 5.85 4.88 20.14
CA GLN A 72 6.90 5.80 19.76
C GLN A 72 6.56 7.22 20.23
N LEU A 73 5.28 7.55 20.17
CA LEU A 73 4.83 8.85 20.66
C LEU A 73 4.94 8.94 22.19
N ALA A 74 4.74 7.84 22.91
CA ALA A 74 5.03 7.82 24.35
C ALA A 74 6.50 8.20 24.61
N GLN A 75 7.41 7.66 23.81
N GLN A 75 7.42 7.65 23.82
CA GLN A 75 8.82 8.01 23.95
CA GLN A 75 8.84 7.99 23.93
C GLN A 75 9.10 9.48 23.66
C GLN A 75 9.08 9.48 23.67
N VAL A 76 8.37 10.05 22.70
CA VAL A 76 8.46 11.47 22.43
C VAL A 76 7.99 12.26 23.66
N ALA A 77 6.82 11.91 24.18
CA ALA A 77 6.23 12.64 25.31
C ALA A 77 7.18 12.66 26.52
N LYS A 78 7.96 11.59 26.69
CA LYS A 78 8.88 11.43 27.82
C LYS A 78 10.24 12.05 27.57
N GLY A 79 10.42 12.74 26.45
CA GLY A 79 11.69 13.40 26.17
C GLY A 79 12.73 12.48 25.57
N GLU A 80 12.31 11.34 25.05
CA GLU A 80 13.26 10.37 24.51
C GLU A 80 13.28 10.23 22.99
N ALA A 81 12.37 10.93 22.31
CA ALA A 81 12.37 11.03 20.85
C ALA A 81 11.84 12.38 20.42
N PHE A 82 11.91 12.66 19.13
CA PHE A 82 11.52 13.95 18.58
C PHE A 82 10.55 13.64 17.44
N LEU A 83 9.48 14.41 17.34
CA LEU A 83 8.46 14.20 16.31
C LEU A 83 8.64 15.13 15.09
N LEU A 84 8.70 14.55 13.90
CA LEU A 84 8.71 15.31 12.66
C LEU A 84 7.44 14.98 11.90
N GLN A 85 6.62 16.02 11.69
CA GLN A 85 5.38 15.88 10.93
C GLN A 85 5.37 16.88 9.75
N GLY A 86 5.12 16.39 8.54
CA GLY A 86 5.21 17.27 7.41
C GLY A 86 4.71 16.72 6.11
N GLY A 87 4.40 17.63 5.20
CA GLY A 87 3.90 17.30 3.88
C GLY A 87 3.07 18.46 3.33
N ASP A 88 2.28 18.18 2.32
CA ASP A 88 1.49 19.23 1.64
C ASP A 88 0.52 19.89 2.62
N CYS A 89 0.24 21.18 2.40
CA CYS A 89 -0.87 21.83 3.10
C CYS A 89 -2.19 21.17 2.68
N ALA A 90 -2.39 21.03 1.38
CA ALA A 90 -3.56 20.31 0.86
C ALA A 90 -3.09 19.36 -0.20
N GLU A 91 -3.41 18.08 -0.10
CA GLU A 91 -3.13 17.20 -1.20
C GLU A 91 -4.25 17.41 -2.23
N THR A 92 -3.91 17.30 -3.50
CA THR A 92 -4.92 17.28 -4.54
C THR A 92 -4.90 15.93 -5.24
N PHE A 93 -6.03 15.52 -5.78
CA PHE A 93 -6.07 14.31 -6.54
C PHE A 93 -5.19 14.40 -7.80
N MET A 94 -5.15 15.58 -8.42
CA MET A 94 -4.37 15.80 -9.63
C MET A 94 -2.86 15.63 -9.41
N ASP A 95 -2.36 16.08 -8.27
CA ASP A 95 -0.95 15.95 -7.98
C ASP A 95 -0.58 14.71 -7.13
N ASN A 96 -1.50 13.79 -6.96
CA ASN A 96 -1.26 12.60 -6.15
C ASN A 96 -0.59 11.59 -7.05
N THR A 97 0.63 11.95 -7.48
CA THR A 97 1.40 11.17 -8.41
C THR A 97 2.65 10.58 -7.77
N GLU A 98 3.25 9.62 -8.45
CA GLU A 98 4.47 8.99 -7.97
CA GLU A 98 4.45 9.00 -7.96
C GLU A 98 5.56 10.02 -7.74
N PRO A 99 5.85 10.88 -8.73
CA PRO A 99 6.93 11.82 -8.46
C PRO A 99 6.67 12.71 -7.26
N HIS A 100 5.43 13.19 -7.10
CA HIS A 100 5.16 14.12 -6.04
C HIS A 100 5.25 13.45 -4.67
N ILE A 101 4.66 12.27 -4.57
CA ILE A 101 4.71 11.48 -3.34
C ILE A 101 6.16 11.14 -2.98
N ARG A 102 6.93 10.66 -3.96
N ARG A 102 6.92 10.67 -3.97
CA ARG A 102 8.32 10.31 -3.73
CA ARG A 102 8.32 10.32 -3.78
C ARG A 102 9.12 11.52 -3.25
C ARG A 102 9.11 11.52 -3.25
N GLY A 103 8.85 12.69 -3.83
CA GLY A 103 9.56 13.93 -3.45
C GLY A 103 9.27 14.36 -2.02
N ASN A 104 8.01 14.25 -1.60
CA ASN A 104 7.65 14.52 -0.21
C ASN A 104 8.20 13.49 0.78
N VAL A 105 8.17 12.22 0.41
CA VAL A 105 8.75 11.20 1.27
C VAL A 105 10.26 11.48 1.39
N ARG A 106 10.92 11.75 0.28
CA ARG A 106 12.35 12.04 0.29
C ARG A 106 12.71 13.22 1.20
N ALA A 107 11.94 14.31 1.09
CA ALA A 107 12.24 15.51 1.86
C ALA A 107 12.11 15.26 3.34
N LEU A 108 11.11 14.47 3.72
CA LEU A 108 10.90 14.11 5.11
C LEU A 108 12.06 13.23 5.64
N LEU A 109 12.51 12.28 4.84
CA LEU A 109 13.67 11.46 5.25
C LEU A 109 14.95 12.32 5.37
N GLN A 110 15.15 13.24 4.43
CA GLN A 110 16.31 14.13 4.43
C GLN A 110 16.29 14.98 5.69
N MET A 111 15.14 15.57 6.01
CA MET A 111 15.01 16.32 7.22
C MET A 111 15.28 15.44 8.45
N ALA A 112 14.74 14.22 8.47
CA ALA A 112 14.82 13.40 9.69
C ALA A 112 16.24 12.98 10.07
N VAL A 113 17.08 12.69 9.09
CA VAL A 113 18.43 12.23 9.41
C VAL A 113 19.24 13.38 10.06
N VAL A 114 19.03 14.59 9.55
CA VAL A 114 19.67 15.78 10.08
C VAL A 114 19.12 16.01 11.47
N LEU A 115 17.80 15.94 11.63
CA LEU A 115 17.22 16.14 12.96
C LEU A 115 17.65 15.07 13.98
N THR A 116 17.77 13.82 13.53
CA THR A 116 18.19 12.72 14.42
C THR A 116 19.59 13.02 15.00
N TYR A 117 20.51 13.43 14.11
CA TYR A 117 21.87 13.73 14.51
C TYR A 117 21.87 14.87 15.52
N GLY A 118 21.16 15.94 15.19
CA GLY A 118 21.10 17.08 16.06
C GLY A 118 20.49 16.81 17.40
N ALA A 119 19.48 15.95 17.44
CA ALA A 119 18.75 15.71 18.68
C ALA A 119 19.37 14.61 19.53
N SER A 120 20.25 13.80 18.92
CA SER A 120 20.84 12.65 19.56
C SER A 120 19.77 11.73 20.11
N MET A 121 18.70 11.55 19.33
CA MET A 121 17.61 10.64 19.67
C MET A 121 16.74 10.33 18.45
N PRO A 122 15.96 9.26 18.53
CA PRO A 122 15.15 8.89 17.35
C PRO A 122 14.12 9.96 16.94
N VAL A 123 13.85 10.02 15.65
CA VAL A 123 12.84 10.91 15.11
C VAL A 123 11.69 10.09 14.57
N VAL A 124 10.49 10.40 15.06
CA VAL A 124 9.28 9.76 14.61
C VAL A 124 8.81 10.52 13.38
N LYS A 125 8.59 9.83 12.26
CA LYS A 125 8.24 10.49 11.02
C LYS A 125 6.79 10.26 10.67
N VAL A 126 6.02 11.36 10.63
CA VAL A 126 4.63 11.31 10.31
C VAL A 126 4.40 12.26 9.16
N ALA A 127 3.95 11.72 8.04
CA ALA A 127 3.67 12.54 6.89
C ALA A 127 2.24 13.09 6.92
N ARG A 128 2.06 14.31 6.40
CA ARG A 128 0.76 14.82 6.06
C ARG A 128 0.49 14.28 4.67
N ILE A 129 -0.18 13.15 4.58
CA ILE A 129 -0.32 12.47 3.34
C ILE A 129 -1.39 11.42 3.42
N ALA A 130 -1.88 10.97 2.27
CA ALA A 130 -2.87 9.92 2.15
C ALA A 130 -4.17 10.26 2.87
N GLY A 131 -4.64 11.48 2.66
CA GLY A 131 -5.91 11.88 3.26
C GLY A 131 -6.13 13.33 3.62
N GLN A 132 -5.12 14.19 3.38
CA GLN A 132 -5.22 15.60 3.68
C GLN A 132 -5.94 16.31 2.51
N TYR A 133 -7.24 16.03 2.39
CA TYR A 133 -8.04 16.47 1.23
C TYR A 133 -9.25 17.34 1.59
N ALA A 134 -9.25 17.89 2.79
CA ALA A 134 -10.35 18.69 3.27
C ALA A 134 -9.81 19.84 4.10
N LYS A 135 -10.38 21.02 3.90
CA LYS A 135 -9.98 22.22 4.63
C LYS A 135 -11.22 23.00 5.04
N PRO A 136 -11.16 23.71 6.17
CA PRO A 136 -12.22 24.59 6.55
C PRO A 136 -12.17 25.83 5.68
N ARG A 137 -13.19 26.67 5.74
CA ARG A 137 -13.03 28.03 5.22
C ARG A 137 -13.64 29.01 6.17
N SER A 138 -13.12 30.23 6.19
CA SER A 138 -13.75 31.29 6.99
C SER A 138 -14.95 31.90 6.24
N ALA A 139 -14.80 32.13 4.93
CA ALA A 139 -15.86 32.77 4.11
C ALA A 139 -16.48 31.77 3.17
N ASP A 140 -17.81 31.76 3.16
CA ASP A 140 -18.51 30.89 2.24
C ASP A 140 -18.41 31.41 0.78
N ILE A 141 -18.03 32.68 0.59
CA ILE A 141 -17.83 33.19 -0.78
C ILE A 141 -16.44 33.73 -1.00
N ASP A 142 -15.74 33.25 -2.05
CA ASP A 142 -14.36 33.66 -2.27
C ASP A 142 -14.24 34.93 -3.13
N ALA A 143 -13.02 35.34 -3.41
CA ALA A 143 -12.75 36.59 -4.17
C ALA A 143 -13.29 36.57 -5.58
N LEU A 144 -13.54 35.39 -6.13
CA LEU A 144 -14.16 35.28 -7.43
C LEU A 144 -15.68 35.20 -7.41
N GLY A 145 -16.28 35.36 -6.24
CA GLY A 145 -17.75 35.26 -6.12
C GLY A 145 -18.28 33.84 -6.13
N LEU A 146 -17.40 32.87 -5.90
CA LEU A 146 -17.78 31.46 -5.90
C LEU A 146 -17.84 30.90 -4.50
N ARG A 147 -18.64 29.86 -4.34
CA ARG A 147 -18.55 29.04 -3.15
C ARG A 147 -17.10 28.59 -2.98
N SER A 148 -16.59 28.59 -1.77
CA SER A 148 -15.18 28.34 -1.54
C SER A 148 -14.79 26.90 -1.81
N TYR A 149 -13.61 26.73 -2.36
CA TYR A 149 -12.94 25.43 -2.43
C TYR A 149 -12.72 24.91 -1.01
N ARG A 150 -13.16 23.67 -0.76
N ARG A 150 -13.16 23.69 -0.74
CA ARG A 150 -13.05 23.07 0.56
CA ARG A 150 -13.00 23.11 0.59
C ARG A 150 -12.09 21.87 0.58
C ARG A 150 -12.08 21.87 0.58
N GLY A 151 -11.26 21.73 -0.46
CA GLY A 151 -10.44 20.53 -0.62
C GLY A 151 -11.11 19.46 -1.44
N ASP A 152 -10.31 18.60 -2.03
CA ASP A 152 -10.78 17.66 -3.05
C ASP A 152 -11.72 16.59 -2.56
N MET A 153 -11.73 16.29 -1.27
CA MET A 153 -12.72 15.40 -0.70
C MET A 153 -14.14 15.98 -0.74
N ILE A 154 -14.24 17.30 -0.89
CA ILE A 154 -15.54 17.98 -0.85
C ILE A 154 -15.93 18.59 -2.20
N ASN A 155 -15.05 19.39 -2.79
CA ASN A 155 -15.32 19.97 -4.12
C ASN A 155 -14.03 20.18 -4.91
N GLY A 156 -14.10 20.85 -6.06
CA GLY A 156 -12.95 21.03 -6.96
C GLY A 156 -12.31 22.38 -6.88
N PHE A 157 -10.99 22.41 -7.02
CA PHE A 157 -10.23 23.67 -7.03
C PHE A 157 -10.64 24.61 -8.18
N ALA A 158 -11.08 24.04 -9.29
CA ALA A 158 -11.29 24.85 -10.50
C ALA A 158 -12.33 25.92 -10.20
N PRO A 159 -12.08 27.18 -10.64
CA PRO A 159 -12.99 28.26 -10.28
C PRO A 159 -14.18 28.28 -11.19
N ASP A 160 -15.09 27.35 -10.97
CA ASP A 160 -16.36 27.36 -11.66
C ASP A 160 -17.40 26.67 -10.81
N ALA A 161 -18.65 27.10 -10.99
CA ALA A 161 -19.79 26.74 -10.13
C ALA A 161 -19.96 25.24 -10.01
N ALA A 162 -19.96 24.58 -11.16
CA ALA A 162 -20.23 23.15 -11.20
C ALA A 162 -19.20 22.41 -10.32
N ALA A 163 -17.94 22.76 -10.48
CA ALA A 163 -16.86 22.10 -9.78
C ALA A 163 -16.95 22.36 -8.27
N ARG A 164 -17.52 23.50 -7.88
CA ARG A 164 -17.51 23.88 -6.48
C ARG A 164 -18.66 23.30 -5.69
N GLU A 165 -19.60 22.64 -6.36
CA GLU A 165 -20.68 22.01 -5.61
C GLU A 165 -20.12 20.82 -4.81
N HIS A 166 -20.70 20.59 -3.64
CA HIS A 166 -20.23 19.54 -2.75
C HIS A 166 -20.70 18.19 -3.24
N ASP A 167 -19.75 17.31 -3.54
CA ASP A 167 -20.04 16.10 -4.26
C ASP A 167 -19.60 14.93 -3.38
N PRO A 168 -20.57 14.23 -2.78
CA PRO A 168 -20.20 13.16 -1.87
C PRO A 168 -19.47 11.95 -2.51
N SER A 169 -19.49 11.86 -3.83
CA SER A 169 -18.73 10.84 -4.53
C SER A 169 -17.25 11.06 -4.26
N ARG A 170 -16.88 12.30 -3.93
CA ARG A 170 -15.47 12.62 -3.69
C ARG A 170 -14.97 11.93 -2.43
N LEU A 171 -15.86 11.45 -1.58
CA LEU A 171 -15.43 10.63 -0.45
C LEU A 171 -14.73 9.37 -0.93
N VAL A 172 -15.33 8.72 -1.90
CA VAL A 172 -14.78 7.50 -2.45
C VAL A 172 -13.54 7.78 -3.27
N ARG A 173 -13.57 8.86 -4.06
CA ARG A 173 -12.39 9.29 -4.80
C ARG A 173 -11.27 9.59 -3.83
N ALA A 174 -11.58 10.19 -2.67
CA ALA A 174 -10.57 10.44 -1.64
C ALA A 174 -9.95 9.14 -1.14
N TYR A 175 -10.77 8.14 -0.87
CA TYR A 175 -10.29 6.89 -0.36
C TYR A 175 -9.38 6.20 -1.40
N ALA A 176 -9.81 6.16 -2.64
CA ALA A 176 -9.00 5.60 -3.74
C ALA A 176 -7.64 6.27 -3.81
N ASN A 177 -7.60 7.59 -3.71
CA ASN A 177 -6.34 8.30 -3.74
C ASN A 177 -5.49 8.07 -2.47
N ALA A 178 -6.12 8.03 -1.31
CA ALA A 178 -5.39 7.77 -0.03
C ALA A 178 -4.76 6.39 -0.03
N SER A 179 -5.52 5.40 -0.45
CA SER A 179 -5.01 4.04 -0.43
C SER A 179 -3.89 3.85 -1.47
N ALA A 180 -4.03 4.47 -2.64
CA ALA A 180 -2.95 4.40 -3.64
C ALA A 180 -1.70 5.08 -3.13
N ALA A 181 -1.84 6.24 -2.50
CA ALA A 181 -0.70 6.92 -1.98
C ALA A 181 -0.07 6.11 -0.84
N MET A 182 -0.88 5.50 -0.01
CA MET A 182 -0.33 4.82 1.17
C MET A 182 0.44 3.61 0.71
N ASN A 183 -0.13 2.93 -0.27
CA ASN A 183 0.57 1.81 -0.89
C ASN A 183 1.99 2.17 -1.32
N LEU A 184 2.13 3.31 -1.99
CA LEU A 184 3.40 3.72 -2.50
C LEU A 184 4.32 4.18 -1.36
N VAL A 185 3.79 4.88 -0.37
CA VAL A 185 4.58 5.31 0.77
C VAL A 185 5.18 4.08 1.43
N ARG A 186 4.41 3.03 1.51
CA ARG A 186 4.91 1.80 2.09
C ARG A 186 6.03 1.16 1.26
N ALA A 187 5.84 1.13 -0.06
CA ALA A 187 6.84 0.61 -0.95
C ALA A 187 8.11 1.44 -0.90
N LEU A 188 7.99 2.77 -0.87
CA LEU A 188 9.14 3.64 -0.83
C LEU A 188 9.94 3.53 0.46
N THR A 189 9.29 3.32 1.59
CA THR A 189 10.01 3.31 2.86
C THR A 189 10.74 2.01 3.06
N SER A 190 10.39 0.97 2.31
CA SER A 190 11.21 -0.23 2.34
C SER A 190 12.07 -0.40 1.06
N SER A 191 12.24 0.68 0.28
CA SER A 191 13.14 0.72 -0.90
C SER A 191 14.51 1.29 -0.51
N GLY A 192 15.34 1.50 -1.51
CA GLY A 192 16.64 2.13 -1.31
C GLY A 192 16.52 3.55 -0.79
N LEU A 193 15.31 4.12 -0.88
CA LEU A 193 15.06 5.47 -0.40
C LEU A 193 15.25 5.53 1.11
N ALA A 194 15.14 4.37 1.74
CA ALA A 194 15.27 4.24 3.19
C ALA A 194 16.70 4.41 3.67
N SER A 195 17.66 4.05 2.82
CA SER A 195 19.07 4.04 3.19
C SER A 195 19.60 5.39 3.65
N LEU A 196 20.21 5.38 4.83
CA LEU A 196 20.74 6.61 5.44
C LEU A 196 21.81 7.25 4.59
N HIS A 197 22.63 6.41 3.96
CA HIS A 197 23.69 6.92 3.13
C HIS A 197 23.13 7.62 1.91
N LEU A 198 22.19 6.97 1.24
CA LEU A 198 21.59 7.55 0.05
C LEU A 198 20.98 8.89 0.38
N VAL A 199 20.12 8.86 1.40
CA VAL A 199 19.39 10.05 1.84
C VAL A 199 20.38 11.15 2.27
N HIS A 200 21.47 10.81 2.96
CA HIS A 200 22.38 11.88 3.38
C HIS A 200 23.26 12.44 2.25
N ASP A 201 23.51 11.65 1.21
CA ASP A 201 24.23 12.17 0.01
C ASP A 201 23.45 13.30 -0.63
N TRP A 202 22.12 13.19 -0.59
CA TRP A 202 21.28 14.27 -1.07
C TRP A 202 21.49 15.50 -0.21
N ASN A 203 21.61 15.32 1.09
CA ASN A 203 21.90 16.46 1.95
C ASN A 203 23.28 17.09 1.59
N ARG A 204 24.22 16.27 1.14
CA ARG A 204 25.53 16.76 0.69
C ARG A 204 25.45 17.60 -0.61
N GLU A 205 24.75 17.12 -1.64
CA GLU A 205 24.51 17.91 -2.86
C GLU A 205 23.86 19.24 -2.52
N PHE A 206 22.90 19.20 -1.59
CA PHE A 206 22.19 20.39 -1.16
C PHE A 206 23.14 21.44 -0.61
N VAL A 207 24.09 21.03 0.22
CA VAL A 207 25.07 21.96 0.81
C VAL A 207 25.96 22.59 -0.25
N ARG A 208 26.42 21.78 -1.19
CA ARG A 208 27.30 22.24 -2.25
C ARG A 208 26.61 23.33 -3.09
N THR A 209 25.33 23.15 -3.39
CA THR A 209 24.63 24.05 -4.31
C THR A 209 23.83 25.18 -3.65
N SER A 210 23.47 25.05 -2.38
CA SER A 210 22.75 26.13 -1.68
C SER A 210 23.59 27.39 -1.61
N PRO A 211 22.98 28.56 -1.87
CA PRO A 211 23.67 29.85 -1.71
C PRO A 211 24.22 30.11 -0.29
N ALA A 212 23.64 29.50 0.73
CA ALA A 212 24.12 29.65 2.11
C ALA A 212 24.68 28.33 2.64
N GLY A 213 25.08 27.44 1.73
CA GLY A 213 25.58 26.10 2.09
C GLY A 213 26.82 26.10 2.97
N ALA A 214 27.67 27.10 2.80
CA ALA A 214 28.83 27.28 3.66
C ALA A 214 28.41 27.29 5.13
N ARG A 215 27.24 27.84 5.40
CA ARG A 215 26.71 27.90 6.75
C ARG A 215 26.44 26.50 7.35
N TYR A 216 26.07 25.53 6.50
CA TYR A 216 25.62 24.20 6.94
C TYR A 216 26.66 23.09 6.71
N GLU A 217 27.77 23.45 6.07
CA GLU A 217 28.79 22.48 5.67
C GLU A 217 29.35 21.77 6.89
N ALA A 218 29.54 22.50 7.97
CA ALA A 218 30.16 21.92 9.14
C ALA A 218 29.33 20.75 9.63
N LEU A 219 28.04 21.00 9.81
CA LEU A 219 27.14 19.97 10.33
C LEU A 219 26.96 18.83 9.34
N ALA A 220 26.88 19.18 8.06
CA ALA A 220 26.69 18.16 7.03
C ALA A 220 27.87 17.17 7.00
N THR A 221 29.07 17.72 7.18
CA THR A 221 30.29 16.90 7.17
C THR A 221 30.32 16.02 8.41
N GLU A 222 29.97 16.64 9.53
CA GLU A 222 29.91 15.96 10.81
C GLU A 222 28.90 14.80 10.79
N ILE A 223 27.77 14.98 10.11
CA ILE A 223 26.81 13.90 9.96
C ILE A 223 27.36 12.77 9.10
N ASP A 224 28.02 13.15 8.02
CA ASP A 224 28.65 12.18 7.15
C ASP A 224 29.70 11.37 7.93
N ARG A 225 30.48 12.05 8.76
CA ARG A 225 31.52 11.38 9.56
C ARG A 225 30.90 10.45 10.59
N GLY A 226 29.73 10.82 11.10
CA GLY A 226 28.99 9.95 12.02
C GLY A 226 28.53 8.68 11.32
N LEU A 227 28.00 8.83 10.12
CA LEU A 227 27.55 7.67 9.35
C LEU A 227 28.69 6.74 8.98
N ARG A 228 29.83 7.32 8.62
CA ARG A 228 30.99 6.52 8.23
C ARG A 228 31.56 5.80 9.46
N PHE A 229 31.44 6.43 10.65
CA PHE A 229 31.82 5.79 11.93
C PHE A 229 30.96 4.57 12.22
N MET A 230 29.65 4.70 11.99
CA MET A 230 28.72 3.58 12.14
C MET A 230 29.18 2.43 11.29
N SER A 231 29.43 2.73 10.04
CA SER A 231 29.86 1.75 9.09
C SER A 231 31.18 1.15 9.56
N ALA A 232 32.12 1.98 10.02
CA ALA A 232 33.42 1.51 10.49
C ALA A 232 33.35 0.61 11.73
N CYS A 233 32.38 0.84 12.62
CA CYS A 233 32.16 -0.04 13.77
C CYS A 233 31.44 -1.32 13.37
N GLY A 234 31.14 -1.49 12.09
CA GLY A 234 30.57 -2.73 11.59
C GLY A 234 29.05 -2.75 11.47
N VAL A 235 28.41 -1.58 11.56
CA VAL A 235 26.96 -1.52 11.49
C VAL A 235 26.53 -1.53 10.03
N ALA A 236 25.92 -2.63 9.61
CA ALA A 236 25.38 -2.75 8.25
C ALA A 236 23.99 -2.12 8.19
N ASP A 237 23.68 -1.43 7.08
CA ASP A 237 22.45 -0.64 6.94
C ASP A 237 21.17 -1.48 6.99
N ARG A 238 21.28 -2.75 6.63
CA ARG A 238 20.18 -3.72 6.84
C ARG A 238 19.97 -4.06 8.33
N ASN A 239 21.00 -3.83 9.15
CA ASN A 239 20.94 -4.09 10.59
C ASN A 239 20.46 -2.89 11.43
N LEU A 240 19.72 -1.96 10.82
CA LEU A 240 19.12 -0.78 11.52
C LEU A 240 17.59 -0.90 11.70
N GLN A 241 17.00 0.03 12.46
CA GLN A 241 15.54 0.16 12.51
C GLN A 241 15.02 0.67 11.16
N THR A 242 14.47 -0.25 10.34
CA THR A 242 14.01 0.08 8.96
C THR A 242 12.85 1.10 8.93
N ALA A 243 12.91 2.03 7.97
CA ALA A 243 12.21 3.33 8.05
C ALA A 243 10.71 3.22 8.11
N GLU A 244 10.11 3.87 9.10
CA GLU A 244 8.66 3.91 9.20
C GLU A 244 8.23 5.33 8.96
N ILE A 245 7.32 5.53 8.01
CA ILE A 245 6.68 6.82 7.82
C ILE A 245 5.18 6.60 7.97
N TYR A 246 4.62 7.26 8.97
CA TYR A 246 3.20 7.17 9.31
C TYR A 246 2.42 8.21 8.54
N ALA A 247 1.13 8.00 8.44
CA ALA A 247 0.22 8.89 7.71
C ALA A 247 -0.69 9.66 8.68
N SER A 248 -0.90 10.94 8.39
CA SER A 248 -1.76 11.79 9.17
C SER A 248 -2.48 12.77 8.25
N HIS A 249 -3.61 13.27 8.72
CA HIS A 249 -4.25 14.45 8.14
C HIS A 249 -5.17 15.10 9.19
N GLU A 250 -5.73 16.26 8.88
CA GLU A 250 -6.74 16.85 9.77
C GLU A 250 -8.05 16.11 9.65
N ALA A 251 -8.58 15.61 10.78
CA ALA A 251 -9.84 14.90 10.73
C ALA A 251 -10.92 15.95 10.66
N LEU A 252 -11.44 16.17 9.46
CA LEU A 252 -12.39 17.27 9.25
C LEU A 252 -13.76 16.81 8.82
N VAL A 253 -13.82 15.95 7.80
CA VAL A 253 -15.05 15.46 7.22
C VAL A 253 -15.49 14.22 7.98
N LEU A 254 -16.48 14.38 8.85
CA LEU A 254 -16.83 13.34 9.80
C LEU A 254 -17.48 12.17 9.08
N ASP A 255 -18.14 12.45 7.96
CA ASP A 255 -18.62 11.41 7.07
C ASP A 255 -17.54 10.40 6.64
N TYR A 256 -16.35 10.91 6.34
CA TYR A 256 -15.22 10.07 5.89
C TYR A 256 -14.63 9.33 7.08
N GLU A 257 -14.33 10.06 8.13
CA GLU A 257 -13.69 9.47 9.29
C GLU A 257 -14.54 8.42 9.95
N ARG A 258 -15.84 8.66 10.07
CA ARG A 258 -16.69 7.71 10.75
C ARG A 258 -16.81 6.46 9.91
N ALA A 259 -16.82 6.60 8.60
CA ALA A 259 -16.95 5.41 7.73
C ALA A 259 -15.67 4.57 7.72
N MET A 260 -14.54 5.16 8.12
CA MET A 260 -13.25 4.47 8.14
C MET A 260 -12.93 3.90 9.55
N LEU A 261 -13.92 3.95 10.47
CA LEU A 261 -13.77 3.32 11.78
C LEU A 261 -13.81 1.82 11.64
N ARG A 262 -12.91 1.16 12.34
CA ARG A 262 -12.92 -0.30 12.41
C ARG A 262 -12.64 -0.77 13.82
N LEU A 263 -13.01 -2.00 14.12
CA LEU A 263 -12.80 -2.63 15.45
C LEU A 263 -11.48 -3.38 15.43
N SER A 264 -10.64 -3.22 16.44
CA SER A 264 -9.38 -3.98 16.49
C SER A 264 -9.72 -5.46 16.72
N ASP A 265 -8.85 -6.36 16.23
CA ASP A 265 -9.05 -7.82 16.40
C ASP A 265 -8.99 -8.33 17.85
N GLY A 266 -8.20 -7.65 18.71
CA GLY A 266 -8.04 -8.04 20.11
C GLY A 266 -7.15 -9.26 20.29
N GLU A 270 -7.34 -4.08 23.93
CA GLU A 270 -8.51 -4.90 23.61
C GLU A 270 -9.29 -4.33 22.41
N PRO A 271 -10.47 -4.92 22.09
CA PRO A 271 -11.24 -4.33 20.99
C PRO A 271 -11.80 -2.94 21.28
N GLN A 272 -11.60 -2.03 20.33
CA GLN A 272 -12.05 -0.65 20.43
C GLN A 272 -12.00 -0.03 19.03
N LEU A 273 -12.53 1.19 18.89
CA LEU A 273 -12.58 1.86 17.62
C LEU A 273 -11.26 2.50 17.27
N PHE A 274 -10.78 2.15 16.09
CA PHE A 274 -9.66 2.86 15.44
C PHE A 274 -10.19 3.51 14.15
N ASP A 275 -9.74 4.73 13.90
CA ASP A 275 -9.94 5.35 12.60
C ASP A 275 -8.78 4.86 11.69
N LEU A 276 -9.09 4.00 10.75
CA LEU A 276 -8.07 3.39 9.86
C LEU A 276 -7.95 4.13 8.53
N SER A 277 -8.30 5.42 8.53
CA SER A 277 -8.05 6.25 7.38
C SER A 277 -6.66 6.84 7.49
N ALA A 278 -6.03 6.67 8.63
CA ALA A 278 -4.72 7.26 8.92
C ALA A 278 -4.16 6.62 10.20
N HIS A 279 -2.92 6.94 10.54
CA HIS A 279 -2.35 6.50 11.82
C HIS A 279 -2.69 7.48 12.93
N THR A 280 -2.54 8.77 12.67
CA THR A 280 -2.91 9.79 13.65
C THR A 280 -3.59 10.90 12.89
N VAL A 281 -4.49 11.60 13.56
CA VAL A 281 -5.20 12.73 12.98
C VAL A 281 -5.21 13.82 14.03
N TRP A 282 -5.29 15.08 13.59
CA TRP A 282 -5.43 16.20 14.48
C TRP A 282 -6.76 16.94 14.23
N ILE A 283 -7.12 17.77 15.21
CA ILE A 283 -8.30 18.61 15.09
CA ILE A 283 -8.31 18.61 15.14
C ILE A 283 -7.86 20.04 14.95
N GLY A 284 -8.45 20.73 13.98
CA GLY A 284 -8.01 22.08 13.64
C GLY A 284 -8.57 23.15 14.54
N GLU A 285 -8.00 24.34 14.35
CA GLU A 285 -8.33 25.54 15.09
C GLU A 285 -9.84 25.88 14.96
N ARG A 286 -10.46 25.62 13.82
CA ARG A 286 -11.84 26.03 13.60
C ARG A 286 -12.86 24.95 13.87
N THR A 287 -12.40 23.77 14.32
CA THR A 287 -13.31 22.67 14.63
C THR A 287 -13.05 22.04 15.96
N ARG A 288 -12.26 22.69 16.81
CA ARG A 288 -11.95 22.17 18.14
C ARG A 288 -12.88 22.67 19.27
N GLN A 289 -14.12 22.98 18.94
CA GLN A 289 -15.10 23.36 19.99
C GLN A 289 -15.15 22.26 21.03
N ILE A 290 -14.94 22.62 22.30
CA ILE A 290 -14.83 21.62 23.36
C ILE A 290 -16.02 20.64 23.45
N ASP A 291 -17.20 21.15 23.11
CA ASP A 291 -18.43 20.31 23.09
C ASP A 291 -18.92 20.03 21.69
N GLY A 292 -18.04 20.18 20.70
CA GLY A 292 -18.37 19.83 19.33
C GLY A 292 -18.07 18.39 18.97
N ALA A 293 -18.57 17.98 17.80
CA ALA A 293 -18.44 16.61 17.32
C ALA A 293 -17.01 16.15 17.05
N HIS A 294 -16.11 17.06 16.71
CA HIS A 294 -14.74 16.69 16.34
C HIS A 294 -13.96 16.26 17.56
N ILE A 295 -14.02 17.05 18.61
CA ILE A 295 -13.40 16.63 19.87
C ILE A 295 -14.05 15.34 20.38
N ALA A 296 -15.35 15.25 20.27
CA ALA A 296 -16.02 14.04 20.75
C ALA A 296 -15.57 12.82 19.97
N PHE A 297 -15.40 12.97 18.66
CA PHE A 297 -14.97 11.85 17.81
C PHE A 297 -13.56 11.40 18.19
N ALA A 298 -12.69 12.37 18.44
CA ALA A 298 -11.34 12.12 18.91
C ALA A 298 -11.31 11.41 20.25
N GLN A 299 -12.31 11.64 21.09
CA GLN A 299 -12.42 10.95 22.37
C GLN A 299 -12.66 9.50 22.17
N VAL A 300 -13.49 9.18 21.21
CA VAL A 300 -13.95 7.83 21.00
C VAL A 300 -12.90 6.95 20.31
N ILE A 301 -11.97 7.55 19.57
CA ILE A 301 -11.07 6.69 18.76
C ILE A 301 -9.82 6.39 19.53
N ALA A 302 -9.20 5.28 19.18
CA ALA A 302 -7.99 4.83 19.87
C ALA A 302 -6.70 5.49 19.36
N ASN A 303 -6.72 6.05 18.14
CA ASN A 303 -5.51 6.63 17.55
C ASN A 303 -4.95 7.73 18.43
N PRO A 304 -3.63 7.92 18.42
CA PRO A 304 -3.11 9.19 18.89
C PRO A 304 -3.74 10.37 18.16
N VAL A 305 -4.01 11.46 18.89
CA VAL A 305 -4.62 12.62 18.28
C VAL A 305 -3.87 13.88 18.66
N GLY A 306 -4.10 14.93 17.88
CA GLY A 306 -3.53 16.25 18.16
C GLY A 306 -4.62 17.30 18.09
N VAL A 307 -4.38 18.44 18.73
CA VAL A 307 -5.24 19.62 18.68
C VAL A 307 -4.37 20.85 18.44
N LYS A 308 -4.76 21.67 17.47
CA LYS A 308 -4.04 22.88 17.16
C LYS A 308 -4.38 23.95 18.20
N LEU A 309 -3.36 24.64 18.68
CA LEU A 309 -3.56 25.69 19.68
C LEU A 309 -3.00 27.00 19.15
N GLY A 310 -3.88 27.92 18.84
CA GLY A 310 -3.51 29.23 18.30
C GLY A 310 -3.53 30.28 19.40
N PRO A 311 -3.32 31.56 19.02
CA PRO A 311 -3.07 32.62 20.02
C PRO A 311 -4.24 32.93 20.95
N ASN A 312 -5.47 32.57 20.60
CA ASN A 312 -6.60 32.72 21.52
C ASN A 312 -6.67 31.69 22.61
N MET A 313 -5.78 30.70 22.61
CA MET A 313 -5.91 29.63 23.57
C MET A 313 -5.69 30.14 24.99
N THR A 314 -6.43 29.59 25.95
CA THR A 314 -6.21 29.85 27.37
C THR A 314 -5.61 28.62 28.02
N PRO A 315 -4.84 28.79 29.10
CA PRO A 315 -4.39 27.59 29.79
C PRO A 315 -5.54 26.67 30.24
N GLU A 316 -6.68 27.25 30.57
CA GLU A 316 -7.82 26.47 31.08
C GLU A 316 -8.44 25.59 29.99
N LEU A 317 -8.60 26.15 28.79
CA LEU A 317 -9.15 25.35 27.69
C LEU A 317 -8.17 24.25 27.30
N ALA A 318 -6.90 24.59 27.22
CA ALA A 318 -5.85 23.61 26.99
C ALA A 318 -6.01 22.45 27.93
N VAL A 319 -6.19 22.75 29.22
CA VAL A 319 -6.38 21.75 30.26
C VAL A 319 -7.64 20.93 30.03
N GLU A 320 -8.70 21.55 29.54
CA GLU A 320 -9.92 20.80 29.23
C GLU A 320 -9.67 19.77 28.09
N TYR A 321 -8.84 20.14 27.12
CA TYR A 321 -8.53 19.19 26.01
C TYR A 321 -7.83 17.98 26.60
N VAL A 322 -6.84 18.25 27.47
CA VAL A 322 -6.12 17.19 28.16
C VAL A 322 -7.06 16.24 28.91
N GLU A 323 -8.06 16.79 29.59
CA GLU A 323 -8.99 15.97 30.38
C GLU A 323 -9.96 15.17 29.52
N ARG A 324 -10.42 15.76 28.43
CA ARG A 324 -11.29 15.03 27.50
C ARG A 324 -10.58 13.97 26.69
N LEU A 325 -9.39 14.29 26.17
CA LEU A 325 -8.75 13.43 25.17
C LEU A 325 -7.64 12.55 25.71
N ASP A 326 -7.14 12.84 26.91
CA ASP A 326 -6.23 11.90 27.60
C ASP A 326 -6.78 11.51 28.98
N PRO A 327 -8.00 10.99 29.02
CA PRO A 327 -8.62 10.73 30.33
C PRO A 327 -7.94 9.62 31.11
N HIS A 328 -7.23 8.73 30.40
CA HIS A 328 -6.51 7.63 31.04
C HIS A 328 -5.03 7.91 31.28
N ASN A 329 -4.60 9.15 31.14
CA ASN A 329 -3.20 9.52 31.32
C ASN A 329 -2.22 8.57 30.59
N LYS A 330 -2.31 8.55 29.25
CA LYS A 330 -1.42 7.76 28.41
C LYS A 330 -0.42 8.67 27.73
N PRO A 331 0.83 8.59 28.12
CA PRO A 331 1.76 9.56 27.55
C PRO A 331 1.81 9.48 26.02
N GLY A 332 1.68 10.62 25.37
CA GLY A 332 1.79 10.71 23.94
C GLY A 332 0.49 10.49 23.18
N ARG A 333 -0.56 10.05 23.87
CA ARG A 333 -1.86 9.90 23.24
C ARG A 333 -2.37 11.24 22.73
N LEU A 334 -2.00 12.32 23.43
CA LEU A 334 -2.39 13.66 23.02
C LEU A 334 -1.19 14.52 22.73
N THR A 335 -1.25 15.18 21.57
CA THR A 335 -0.29 16.17 21.17
C THR A 335 -0.96 17.54 21.11
N LEU A 336 -0.32 18.54 21.70
CA LEU A 336 -0.81 19.92 21.61
C LEU A 336 0.10 20.70 20.69
N VAL A 337 -0.47 21.26 19.63
CA VAL A 337 0.30 21.84 18.55
C VAL A 337 0.19 23.38 18.58
N SER A 338 1.28 24.03 18.97
CA SER A 338 1.27 25.48 19.05
C SER A 338 1.49 26.22 17.73
N ARG A 339 0.58 27.14 17.44
CA ARG A 339 0.64 28.01 16.27
C ARG A 339 0.29 29.42 16.72
N MET A 340 1.19 30.07 17.45
CA MET A 340 0.95 31.42 17.97
C MET A 340 1.62 32.60 17.27
N GLY A 341 2.31 32.37 16.15
CA GLY A 341 3.02 33.49 15.51
C GLY A 341 4.35 33.75 16.22
N ASN A 342 5.39 34.11 15.48
CA ASN A 342 6.73 34.21 16.06
C ASN A 342 6.87 35.34 17.08
N HIS A 343 6.04 36.36 16.93
CA HIS A 343 6.04 37.52 17.83
CA HIS A 343 6.03 37.52 17.82
C HIS A 343 5.24 37.23 19.10
N LYS A 344 4.44 36.17 19.13
CA LYS A 344 3.61 35.87 20.32
C LYS A 344 3.97 34.60 21.08
N VAL A 345 4.69 33.67 20.47
CA VAL A 345 4.90 32.35 21.09
C VAL A 345 5.62 32.43 22.43
N ARG A 346 6.63 33.30 22.52
CA ARG A 346 7.40 33.44 23.75
C ARG A 346 6.57 34.00 24.91
N ASP A 347 5.53 34.77 24.60
CA ASP A 347 4.63 35.26 25.65
C ASP A 347 3.46 34.32 25.94
N LEU A 348 2.83 33.79 24.89
CA LEU A 348 1.57 33.06 25.06
C LEU A 348 1.75 31.61 25.46
N LEU A 349 2.85 30.98 25.03
CA LEU A 349 3.00 29.53 25.27
C LEU A 349 3.32 29.11 26.72
N PRO A 350 4.21 29.86 27.41
CA PRO A 350 4.59 29.43 28.77
C PRO A 350 3.42 29.20 29.75
N PRO A 351 2.44 30.13 29.83
CA PRO A 351 1.32 29.87 30.74
C PRO A 351 0.53 28.60 30.38
N ILE A 352 0.42 28.28 29.09
CA ILE A 352 -0.30 27.07 28.67
C ILE A 352 0.49 25.84 29.12
N VAL A 353 1.78 25.84 28.89
CA VAL A 353 2.60 24.68 29.23
C VAL A 353 2.52 24.41 30.74
N GLU A 354 2.77 25.46 31.54
CA GLU A 354 2.83 25.33 33.00
C GLU A 354 1.57 24.69 33.52
N LYS A 355 0.44 25.18 33.04
CA LYS A 355 -0.85 24.73 33.49
C LYS A 355 -1.09 23.28 33.10
N VAL A 356 -0.69 22.88 31.89
CA VAL A 356 -0.88 21.49 31.44
C VAL A 356 0.01 20.51 32.19
N GLN A 357 1.29 20.82 32.28
CA GLN A 357 2.24 20.05 33.07
C GLN A 357 1.74 19.78 34.50
N ALA A 358 1.12 20.78 35.11
CA ALA A 358 0.66 20.65 36.51
C ALA A 358 -0.46 19.64 36.62
N THR A 359 -1.13 19.33 35.50
CA THR A 359 -2.16 18.28 35.49
C THR A 359 -1.60 16.90 35.77
N GLY A 360 -0.29 16.73 35.59
CA GLY A 360 0.34 15.42 35.70
C GLY A 360 0.21 14.57 34.43
N HIS A 361 -0.43 15.08 33.37
CA HIS A 361 -0.44 14.34 32.09
C HIS A 361 0.81 14.64 31.29
N GLN A 362 1.18 13.73 30.40
CA GLN A 362 2.32 13.99 29.52
C GLN A 362 1.86 14.04 28.07
N VAL A 363 1.63 15.25 27.60
CA VAL A 363 1.34 15.47 26.20
C VAL A 363 2.63 15.66 25.45
N ILE A 364 2.53 15.64 24.13
CA ILE A 364 3.61 16.08 23.26
C ILE A 364 3.39 17.55 22.95
N TRP A 365 4.43 18.35 23.13
CA TRP A 365 4.41 19.76 22.76
C TRP A 365 5.07 19.83 21.42
N GLN A 366 4.29 20.21 20.41
CA GLN A 366 4.77 20.25 19.04
C GLN A 366 4.54 21.66 18.51
N CYS A 367 5.52 22.13 17.74
CA CYS A 367 5.50 23.47 17.18
C CYS A 367 5.10 23.45 15.71
N ASP A 368 4.00 24.14 15.42
CA ASP A 368 3.58 24.44 14.06
C ASP A 368 3.95 25.87 13.81
N PRO A 369 5.08 26.11 13.13
CA PRO A 369 5.51 27.49 12.95
C PRO A 369 4.99 28.13 11.66
N MET A 370 3.99 27.53 11.03
CA MET A 370 3.52 28.03 9.73
C MET A 370 2.21 28.80 9.83
N HIS A 371 1.21 28.22 10.50
CA HIS A 371 -0.16 28.70 10.36
C HIS A 371 -0.42 30.00 11.10
N GLY A 372 0.45 30.31 12.06
CA GLY A 372 0.44 31.59 12.72
C GLY A 372 1.27 32.68 12.07
N ASN A 373 1.99 32.37 11.00
CA ASN A 373 2.90 33.35 10.35
C ASN A 373 2.63 33.60 8.87
N THR A 374 1.36 33.61 8.51
CA THR A 374 0.93 33.76 7.12
C THR A 374 0.57 35.23 6.82
N HIS A 375 1.04 35.74 5.68
CA HIS A 375 0.61 37.05 5.18
C HIS A 375 0.46 37.05 3.65
N GLU A 376 -0.05 38.16 3.11
CA GLU A 376 -0.27 38.31 1.68
C GLU A 376 0.75 39.29 1.06
N SER A 377 1.29 38.93 -0.09
CA SER A 377 2.24 39.79 -0.81
C SER A 377 1.50 40.92 -1.53
N SER A 378 2.25 41.94 -1.95
CA SER A 378 1.72 43.03 -2.80
C SER A 378 1.42 42.54 -4.22
N THR A 379 2.09 41.46 -4.63
CA THR A 379 1.84 40.78 -5.92
C THR A 379 0.71 39.72 -5.84
N GLY A 380 -0.10 39.75 -4.77
CA GLY A 380 -1.33 38.95 -4.67
C GLY A 380 -1.20 37.70 -3.82
N PHE A 381 -0.13 36.94 -4.05
CA PHE A 381 0.02 35.58 -3.48
C PHE A 381 0.10 35.57 -1.97
N LYS A 382 -0.68 34.66 -1.36
CA LYS A 382 -0.64 34.37 0.08
C LYS A 382 0.75 33.78 0.40
N THR A 383 1.39 34.25 1.47
CA THR A 383 2.77 33.83 1.72
C THR A 383 3.20 33.89 3.18
N ARG A 384 4.37 33.33 3.43
CA ARG A 384 4.93 33.19 4.76
C ARG A 384 6.39 33.50 4.60
N HIS A 385 7.00 34.05 5.66
CA HIS A 385 8.41 34.36 5.61
C HIS A 385 9.19 33.32 6.36
N PHE A 386 10.17 32.75 5.66
CA PHE A 386 11.06 31.75 6.20
C PHE A 386 11.59 32.15 7.56
N ASP A 387 12.11 33.37 7.66
CA ASP A 387 12.64 33.88 8.94
C ASP A 387 11.61 33.92 10.05
N ARG A 388 10.37 34.25 9.74
CA ARG A 388 9.34 34.24 10.79
C ARG A 388 9.05 32.79 11.20
N ILE A 389 9.10 31.86 10.25
CA ILE A 389 8.86 30.44 10.54
C ILE A 389 9.96 29.90 11.47
N VAL A 390 11.21 30.11 11.09
CA VAL A 390 12.35 29.68 11.88
C VAL A 390 12.25 30.30 13.27
N ASP A 391 11.84 31.57 13.33
CA ASP A 391 11.84 32.29 14.60
C ASP A 391 10.80 31.76 15.56
N GLU A 392 9.66 31.27 15.07
CA GLU A 392 8.68 30.70 16.01
C GLU A 392 9.23 29.44 16.61
N VAL A 393 9.91 28.64 15.81
CA VAL A 393 10.47 27.40 16.35
C VAL A 393 11.55 27.79 17.37
N GLN A 394 12.39 28.77 17.02
CA GLN A 394 13.38 29.28 17.99
C GLN A 394 12.69 29.65 19.31
N GLY A 395 11.64 30.46 19.22
CA GLY A 395 10.93 30.89 20.43
C GLY A 395 10.29 29.74 21.18
N PHE A 396 9.82 28.75 20.44
CA PHE A 396 9.25 27.54 21.02
C PHE A 396 10.31 26.79 21.85
N PHE A 397 11.51 26.67 21.31
CA PHE A 397 12.59 26.03 22.08
C PHE A 397 12.91 26.80 23.35
N GLU A 398 13.01 28.13 23.24
CA GLU A 398 13.28 28.98 24.40
C GLU A 398 12.25 28.75 25.52
N VAL A 399 10.97 28.76 25.14
CA VAL A 399 9.91 28.50 26.11
C VAL A 399 10.16 27.21 26.90
N HIS A 400 10.38 26.10 26.19
CA HIS A 400 10.58 24.80 26.85
C HIS A 400 11.90 24.70 27.63
N ARG A 401 12.97 25.28 27.10
CA ARG A 401 14.24 25.28 27.81
C ARG A 401 14.04 26.00 29.16
N ALA A 402 13.43 27.17 29.13
CA ALA A 402 13.18 27.88 30.37
C ALA A 402 12.35 27.08 31.36
N LEU A 403 11.49 26.19 30.88
CA LEU A 403 10.57 25.49 31.77
C LEU A 403 11.04 24.10 32.19
N GLY A 404 12.14 23.64 31.60
CA GLY A 404 12.57 22.24 31.75
C GLY A 404 11.68 21.22 31.05
N THR A 405 10.82 21.68 30.15
CA THR A 405 9.92 20.79 29.41
C THR A 405 10.53 20.41 28.08
N HIS A 406 9.91 19.42 27.41
CA HIS A 406 10.48 18.89 26.19
C HIS A 406 9.85 19.53 24.96
N PRO A 407 10.68 20.14 24.11
CA PRO A 407 10.17 20.52 22.81
C PRO A 407 10.02 19.26 21.97
N GLY A 408 8.79 18.78 21.82
CA GLY A 408 8.53 17.45 21.27
C GLY A 408 8.79 17.24 19.79
N GLY A 409 8.61 18.27 19.00
CA GLY A 409 8.64 18.11 17.56
C GLY A 409 8.14 19.31 16.80
N ILE A 410 8.14 19.21 15.48
CA ILE A 410 7.62 20.26 14.61
C ILE A 410 6.56 19.69 13.67
N HIS A 411 5.70 20.57 13.21
CA HIS A 411 4.69 20.24 12.24
C HIS A 411 4.76 21.31 11.17
N VAL A 412 5.18 20.94 9.97
CA VAL A 412 5.48 21.91 8.92
C VAL A 412 4.82 21.51 7.62
N GLU A 413 4.57 22.50 6.76
CA GLU A 413 4.04 22.26 5.43
C GLU A 413 5.17 22.43 4.42
N ILE A 414 5.42 21.37 3.67
CA ILE A 414 6.60 21.24 2.82
C ILE A 414 6.25 20.47 1.58
N THR A 415 7.12 20.56 0.59
CA THR A 415 7.05 19.67 -0.54
C THR A 415 8.48 19.45 -1.06
N GLY A 416 8.71 18.29 -1.67
CA GLY A 416 9.95 18.02 -2.39
C GLY A 416 10.08 18.72 -3.73
N GLU A 417 9.08 19.48 -4.14
CA GLU A 417 9.11 20.27 -5.39
C GLU A 417 9.92 21.53 -5.13
N ASN A 418 10.57 22.07 -6.16
CA ASN A 418 11.22 23.37 -6.05
C ASN A 418 10.23 24.53 -6.40
N VAL A 419 9.15 24.62 -5.62
CA VAL A 419 8.15 25.69 -5.74
C VAL A 419 8.66 27.01 -5.17
N THR A 420 7.90 28.07 -5.44
CA THR A 420 8.20 29.42 -4.95
C THR A 420 6.99 29.92 -4.18
N GLU A 421 6.89 29.50 -2.92
CA GLU A 421 5.66 29.75 -2.15
C GLU A 421 5.92 30.53 -0.87
N CYS A 422 7.03 30.22 -0.18
CA CYS A 422 7.46 30.93 1.01
C CYS A 422 8.61 31.84 0.64
N LEU A 423 8.55 33.07 1.15
CA LEU A 423 9.63 34.04 0.93
C LEU A 423 10.84 33.66 1.78
N GLY A 424 12.03 34.11 1.35
CA GLY A 424 13.23 33.96 2.17
C GLY A 424 13.94 32.64 1.92
N GLY A 425 14.62 32.14 2.95
CA GLY A 425 15.52 31.00 2.83
C GLY A 425 16.79 31.43 2.11
N ALA A 426 17.75 30.52 1.99
CA ALA A 426 19.01 30.84 1.32
C ALA A 426 18.80 31.26 -0.13
N GLN A 427 17.79 30.73 -0.81
CA GLN A 427 17.46 31.15 -2.18
C GLN A 427 16.92 32.59 -2.26
N ASP A 428 16.63 33.19 -1.11
CA ASP A 428 16.10 34.55 -1.06
C ASP A 428 14.91 34.73 -2.00
N ILE A 429 13.88 33.91 -1.82
CA ILE A 429 12.69 33.97 -2.67
C ILE A 429 12.03 35.31 -2.41
N SER A 430 11.72 36.04 -3.47
CA SER A 430 11.13 37.39 -3.38
C SER A 430 9.64 37.37 -3.72
N GLU A 431 8.98 38.51 -3.53
CA GLU A 431 7.56 38.65 -3.93
C GLU A 431 7.39 38.46 -5.43
N THR A 432 8.36 38.94 -6.20
CA THR A 432 8.40 38.78 -7.64
C THR A 432 8.49 37.31 -8.02
N ASP A 433 9.35 36.59 -7.31
CA ASP A 433 9.62 35.18 -7.59
C ASP A 433 8.40 34.28 -7.39
N LEU A 434 7.51 34.67 -6.47
CA LEU A 434 6.36 33.83 -6.12
C LEU A 434 5.53 33.40 -7.34
N ALA A 435 5.44 34.28 -8.33
CA ALA A 435 4.64 34.00 -9.54
C ALA A 435 5.17 32.86 -10.39
N GLY A 436 6.41 32.44 -10.17
CA GLY A 436 7.03 31.40 -11.01
C GLY A 436 6.43 30.02 -10.83
N ARG A 437 6.43 29.53 -9.59
CA ARG A 437 5.89 28.21 -9.27
C ARG A 437 5.15 28.20 -7.94
N TYR A 438 4.05 28.93 -7.90
CA TYR A 438 3.15 28.91 -6.74
C TYR A 438 2.07 27.86 -7.03
N GLU A 439 2.26 26.63 -6.53
CA GLU A 439 1.44 25.49 -6.99
C GLU A 439 0.49 24.93 -5.93
N THR A 440 0.62 25.41 -4.70
CA THR A 440 -0.23 24.98 -3.61
C THR A 440 -1.70 25.29 -3.89
N ALA A 441 -2.57 24.35 -3.52
CA ALA A 441 -4.01 24.57 -3.61
C ALA A 441 -4.53 25.24 -2.35
N CYS A 442 -3.64 25.56 -1.40
CA CYS A 442 -4.01 26.26 -0.17
C CYS A 442 -2.84 27.12 0.35
N ASP A 443 -2.30 26.80 1.52
CA ASP A 443 -1.21 27.59 2.10
C ASP A 443 0.15 27.35 1.46
N PRO A 444 1.02 28.35 1.55
CA PRO A 444 2.33 28.23 0.99
C PRO A 444 3.21 27.25 1.77
N ARG A 445 3.85 26.36 1.01
CA ARG A 445 4.73 25.35 1.55
C ARG A 445 6.20 25.75 1.45
N LEU A 446 7.01 25.22 2.38
CA LEU A 446 8.45 25.29 2.25
C LEU A 446 8.83 24.39 1.09
N ASN A 447 9.66 24.88 0.19
CA ASN A 447 10.12 24.01 -0.90
C ASN A 447 11.18 23.07 -0.36
N THR A 448 11.75 22.26 -1.23
CA THR A 448 12.62 21.19 -0.77
C THR A 448 13.89 21.73 -0.08
N GLN A 449 14.46 22.78 -0.65
CA GLN A 449 15.62 23.45 -0.07
C GLN A 449 15.31 24.16 1.21
N GLN A 450 14.16 24.82 1.26
CA GLN A 450 13.81 25.54 2.47
C GLN A 450 13.56 24.57 3.60
N SER A 451 12.86 23.49 3.29
CA SER A 451 12.54 22.52 4.32
C SER A 451 13.82 21.87 4.87
N LEU A 452 14.74 21.56 3.98
CA LEU A 452 16.02 20.98 4.40
C LEU A 452 16.84 22.01 5.21
N GLU A 453 16.89 23.25 4.75
CA GLU A 453 17.50 24.32 5.53
C GLU A 453 16.89 24.47 6.92
N LEU A 454 15.55 24.39 7.02
CA LEU A 454 14.92 24.47 8.35
C LEU A 454 15.43 23.34 9.24
N ALA A 455 15.62 22.15 8.69
CA ALA A 455 16.02 21.00 9.49
C ALA A 455 17.43 21.20 10.09
N PHE A 456 18.35 21.76 9.30
CA PHE A 456 19.66 22.15 9.80
C PHE A 456 19.52 23.16 10.93
N LEU A 457 18.67 24.18 10.75
CA LEU A 457 18.54 25.19 11.77
C LEU A 457 17.97 24.61 13.04
N VAL A 458 16.94 23.78 12.94
CA VAL A 458 16.36 23.15 14.14
C VAL A 458 17.38 22.18 14.75
N ALA A 459 18.21 21.57 13.92
CA ALA A 459 19.25 20.67 14.43
C ALA A 459 20.18 21.46 15.35
N GLU A 460 20.55 22.66 14.95
CA GLU A 460 21.38 23.50 15.82
C GLU A 460 20.65 23.90 17.11
N MET A 461 19.35 24.15 17.02
N MET A 461 19.35 24.17 17.03
CA MET A 461 18.57 24.48 18.21
CA MET A 461 18.53 24.46 18.22
C MET A 461 18.45 23.28 19.17
C MET A 461 18.52 23.27 19.18
N LEU A 462 18.50 22.06 18.63
CA LEU A 462 18.49 20.84 19.46
C LEU A 462 19.89 20.61 20.08
N ARG A 463 20.94 21.02 19.38
CA ARG A 463 22.32 20.89 19.87
C ARG A 463 22.68 21.85 21.02
N ASP A 464 22.04 23.02 21.11
CA ASP A 464 22.31 23.98 22.20
C ASP A 464 21.50 23.67 23.45
N MET B 3 -24.22 7.92 -8.23
CA MET B 3 -23.70 6.56 -8.09
C MET B 3 -22.30 6.30 -8.67
N ASN B 4 -21.64 7.35 -9.15
CA ASN B 4 -20.33 7.25 -9.74
C ASN B 4 -19.37 8.20 -9.09
N TRP B 5 -18.14 7.75 -8.83
CA TRP B 5 -17.10 8.71 -8.56
C TRP B 5 -16.61 9.06 -9.94
N THR B 6 -16.12 10.29 -10.11
CA THR B 6 -15.76 10.75 -11.44
C THR B 6 -14.32 11.23 -11.40
N VAL B 7 -13.57 10.85 -12.42
CA VAL B 7 -12.16 11.16 -12.48
C VAL B 7 -11.92 12.05 -13.68
N ASP B 8 -11.11 13.07 -13.46
CA ASP B 8 -10.66 13.96 -14.52
C ASP B 8 -9.61 13.27 -15.38
N ILE B 9 -9.73 13.45 -16.70
CA ILE B 9 -8.77 12.88 -17.64
C ILE B 9 -7.66 13.91 -17.75
N PRO B 10 -6.43 13.54 -17.31
CA PRO B 10 -5.33 14.53 -17.34
C PRO B 10 -5.26 15.23 -18.71
N ILE B 11 -5.47 16.56 -18.70
CA ILE B 11 -5.52 17.37 -19.91
C ILE B 11 -4.77 18.68 -19.67
N LEU B 17 4.17 11.74 -18.80
CA LEU B 17 4.89 12.77 -19.56
C LEU B 17 6.44 12.63 -19.81
N PRO B 18 7.07 11.45 -19.51
CA PRO B 18 8.46 11.35 -20.02
C PRO B 18 8.49 10.50 -21.29
N PRO B 19 9.05 11.05 -22.40
CA PRO B 19 9.00 10.23 -23.60
C PRO B 19 9.90 9.01 -23.44
N LEU B 20 9.42 7.87 -23.90
CA LEU B 20 10.24 6.67 -23.88
C LEU B 20 11.44 6.83 -24.79
N PRO B 21 12.57 6.23 -24.40
CA PRO B 21 13.69 6.11 -25.32
C PRO B 21 13.15 5.51 -26.59
N THR B 22 13.71 5.96 -27.71
CA THR B 22 13.20 5.63 -29.04
C THR B 22 13.04 4.14 -29.26
N ASP B 23 14.03 3.36 -28.85
CA ASP B 23 13.96 1.90 -29.04
C ASP B 23 12.84 1.21 -28.28
N LEU B 24 12.58 1.65 -27.05
CA LEU B 24 11.50 1.05 -26.27
C LEU B 24 10.13 1.38 -26.86
N ARG B 25 9.99 2.61 -27.37
CA ARG B 25 8.77 3.02 -28.02
C ARG B 25 8.56 2.17 -29.26
N THR B 26 9.65 1.92 -30.00
CA THR B 26 9.55 1.10 -31.20
C THR B 26 9.16 -0.35 -30.85
N ARG B 27 9.85 -0.93 -29.88
CA ARG B 27 9.57 -2.32 -29.53
C ARG B 27 8.21 -2.45 -28.87
N LEU B 28 7.82 -1.48 -28.06
CA LEU B 28 6.51 -1.60 -27.44
C LEU B 28 5.42 -1.53 -28.52
N ASP B 29 5.57 -0.60 -29.45
CA ASP B 29 4.57 -0.45 -30.50
C ASP B 29 4.50 -1.74 -31.31
N ALA B 30 5.65 -2.33 -31.64
CA ALA B 30 5.67 -3.58 -32.43
C ALA B 30 4.98 -4.71 -31.68
N ALA B 31 5.25 -4.80 -30.37
CA ALA B 31 4.60 -5.84 -29.59
C ALA B 31 3.10 -5.69 -29.60
N LEU B 32 2.60 -4.46 -29.42
CA LEU B 32 1.16 -4.26 -29.34
C LEU B 32 0.47 -4.26 -30.69
N ALA B 33 1.21 -4.17 -31.79
CA ALA B 33 0.59 -4.26 -33.13
C ALA B 33 0.37 -5.72 -33.55
N LYS B 34 0.98 -6.66 -32.82
CA LYS B 34 0.81 -8.06 -33.15
C LYS B 34 -0.56 -8.51 -32.74
N PRO B 35 -1.03 -9.64 -33.27
CA PRO B 35 -2.38 -10.10 -32.89
C PRO B 35 -2.46 -10.47 -31.39
N ALA B 36 -3.58 -10.14 -30.77
CA ALA B 36 -3.81 -10.34 -29.35
C ALA B 36 -5.13 -11.04 -29.18
N ALA B 37 -5.09 -12.22 -28.60
CA ALA B 37 -6.28 -13.00 -28.34
C ALA B 37 -6.98 -12.53 -27.08
N GLN B 38 -8.25 -12.90 -26.94
CA GLN B 38 -8.98 -12.76 -25.67
C GLN B 38 -9.07 -11.33 -25.09
N GLN B 39 -9.01 -10.33 -25.93
CA GLN B 39 -9.08 -8.96 -25.49
C GLN B 39 -10.53 -8.53 -25.38
N PRO B 40 -10.83 -7.58 -24.47
CA PRO B 40 -12.19 -7.02 -24.47
C PRO B 40 -12.48 -6.28 -25.75
N THR B 41 -13.75 -6.18 -26.09
CA THR B 41 -14.22 -5.44 -27.24
C THR B 41 -14.92 -4.18 -26.75
N TRP B 42 -14.19 -3.13 -26.51
CA TRP B 42 -14.81 -1.90 -26.05
C TRP B 42 -14.26 -0.81 -26.93
N PRO B 43 -14.94 0.33 -26.99
CA PRO B 43 -14.45 1.30 -27.93
C PRO B 43 -13.03 1.76 -27.64
N ALA B 44 -12.22 1.93 -28.68
CA ALA B 44 -10.84 2.42 -28.55
C ALA B 44 -10.68 3.81 -27.92
N ASP B 45 -11.59 4.71 -28.25
CA ASP B 45 -11.52 6.04 -27.67
C ASP B 45 -11.77 6.00 -26.14
N GLN B 46 -12.66 5.11 -25.69
CA GLN B 46 -12.95 4.99 -24.26
C GLN B 46 -11.78 4.30 -23.54
N ALA B 47 -11.23 3.27 -24.17
CA ALA B 47 -10.04 2.61 -23.64
C ALA B 47 -8.90 3.61 -23.44
N LEU B 48 -8.67 4.47 -24.44
CA LEU B 48 -7.59 5.45 -24.37
C LEU B 48 -7.74 6.37 -23.18
N ALA B 49 -8.98 6.83 -22.96
CA ALA B 49 -9.25 7.71 -21.84
C ALA B 49 -8.92 7.02 -20.52
N MET B 50 -9.31 5.78 -20.37
CA MET B 50 -9.01 5.00 -19.15
CA MET B 50 -9.01 5.04 -19.13
C MET B 50 -7.51 4.81 -18.99
N ARG B 51 -6.82 4.48 -20.07
N ARG B 51 -6.82 4.46 -20.08
CA ARG B 51 -5.38 4.30 -20.00
CA ARG B 51 -5.37 4.30 -20.03
C ARG B 51 -4.66 5.59 -19.61
C ARG B 51 -4.68 5.59 -19.60
N THR B 52 -5.18 6.72 -20.10
CA THR B 52 -4.61 8.01 -19.76
C THR B 52 -4.75 8.29 -18.24
N VAL B 53 -5.86 7.87 -17.65
CA VAL B 53 -5.99 7.95 -16.19
C VAL B 53 -4.97 7.04 -15.51
N LEU B 54 -4.86 5.80 -15.97
CA LEU B 54 -3.98 4.85 -15.33
C LEU B 54 -2.50 5.20 -15.50
N GLU B 55 -2.16 5.98 -16.53
CA GLU B 55 -0.76 6.35 -16.76
C GLU B 55 -0.26 7.37 -15.73
N SER B 56 -1.19 7.99 -14.97
CA SER B 56 -0.85 8.98 -13.95
C SER B 56 -1.02 8.50 -12.48
N VAL B 57 -1.51 7.28 -12.26
CA VAL B 57 -1.74 6.81 -10.92
C VAL B 57 -0.45 6.30 -10.31
N PRO B 58 -0.39 6.28 -8.98
CA PRO B 58 0.73 5.65 -8.31
C PRO B 58 0.80 4.14 -8.59
N PRO B 59 2.00 3.62 -8.80
CA PRO B 59 2.11 2.25 -9.22
C PRO B 59 1.73 1.27 -8.10
N VAL B 60 1.33 0.07 -8.46
CA VAL B 60 1.02 -0.93 -7.45
C VAL B 60 2.34 -1.45 -6.83
N THR B 61 3.36 -1.62 -7.66
CA THR B 61 4.67 -2.08 -7.23
C THR B 61 5.75 -1.10 -7.70
N VAL B 62 6.99 -1.23 -7.21
CA VAL B 62 8.09 -0.40 -7.66
C VAL B 62 9.26 -1.27 -8.19
N PRO B 63 10.14 -0.68 -9.05
CA PRO B 63 11.14 -1.53 -9.72
C PRO B 63 12.09 -2.24 -8.75
N SER B 64 12.48 -1.60 -7.66
CA SER B 64 13.43 -2.23 -6.75
C SER B 64 12.87 -3.51 -6.13
N GLU B 65 11.55 -3.61 -5.93
CA GLU B 65 10.91 -4.86 -5.46
C GLU B 65 10.94 -6.00 -6.50
N ILE B 66 10.74 -5.62 -7.74
CA ILE B 66 10.79 -6.55 -8.85
C ILE B 66 12.23 -7.07 -9.04
N VAL B 67 13.22 -6.19 -8.88
CA VAL B 67 14.64 -6.60 -8.95
C VAL B 67 14.92 -7.59 -7.85
N ARG B 68 14.46 -7.29 -6.62
N ARG B 68 14.46 -7.29 -6.63
CA ARG B 68 14.61 -8.21 -5.49
CA ARG B 68 14.63 -8.21 -5.50
C ARG B 68 13.96 -9.58 -5.72
C ARG B 68 13.96 -9.58 -5.72
N LEU B 69 12.76 -9.58 -6.28
CA LEU B 69 12.05 -10.81 -6.57
C LEU B 69 12.85 -11.64 -7.57
N GLN B 70 13.37 -10.96 -8.58
CA GLN B 70 14.21 -11.59 -9.60
C GLN B 70 15.41 -12.31 -8.97
N GLU B 71 16.06 -11.63 -8.00
CA GLU B 71 17.16 -12.22 -7.25
C GLU B 71 16.72 -13.49 -6.52
N GLN B 72 15.55 -13.47 -5.89
CA GLN B 72 15.06 -14.66 -5.14
C GLN B 72 14.59 -15.79 -6.05
N LEU B 73 14.06 -15.44 -7.24
CA LEU B 73 13.63 -16.42 -8.23
C LEU B 73 14.86 -17.06 -8.88
N ALA B 74 15.96 -16.32 -9.00
CA ALA B 74 17.22 -16.90 -9.47
C ALA B 74 17.63 -18.03 -8.54
N GLN B 75 17.53 -17.79 -7.25
CA GLN B 75 17.85 -18.81 -6.26
C GLN B 75 16.94 -20.03 -6.42
N VAL B 76 15.67 -19.79 -6.73
CA VAL B 76 14.75 -20.88 -7.00
C VAL B 76 15.25 -21.69 -8.21
N ALA B 77 15.59 -20.98 -9.27
CA ALA B 77 16.00 -21.60 -10.52
C ALA B 77 17.24 -22.46 -10.28
N LYS B 78 18.13 -21.98 -9.42
CA LYS B 78 19.37 -22.68 -9.10
C LYS B 78 19.22 -23.83 -8.12
N GLY B 79 18.04 -24.08 -7.61
CA GLY B 79 17.82 -25.18 -6.72
C GLY B 79 18.02 -24.84 -5.25
N GLU B 80 18.00 -23.56 -4.92
CA GLU B 80 18.27 -23.10 -3.57
C GLU B 80 17.07 -22.46 -2.85
N ALA B 81 15.92 -22.44 -3.52
CA ALA B 81 14.69 -21.97 -2.91
C ALA B 81 13.53 -22.62 -3.64
N PHE B 82 12.35 -22.47 -3.07
CA PHE B 82 11.14 -23.07 -3.58
C PHE B 82 10.11 -21.95 -3.72
N LEU B 83 9.29 -22.03 -4.76
CA LEU B 83 8.26 -21.02 -5.06
C LEU B 83 6.87 -21.45 -4.72
N LEU B 84 6.18 -20.69 -3.88
CA LEU B 84 4.78 -20.92 -3.60
C LEU B 84 4.01 -19.76 -4.20
N GLN B 85 3.14 -20.07 -5.15
CA GLN B 85 2.33 -19.06 -5.76
C GLN B 85 0.89 -19.46 -5.56
N GLY B 86 0.07 -18.57 -5.06
CA GLY B 86 -1.27 -18.95 -4.70
C GLY B 86 -2.20 -17.80 -4.36
N GLY B 87 -3.49 -18.07 -4.51
CA GLY B 87 -4.53 -17.13 -4.17
C GLY B 87 -5.76 -17.45 -5.01
N ASP B 88 -6.70 -16.50 -5.06
CA ASP B 88 -7.99 -16.72 -5.75
C ASP B 88 -7.80 -16.99 -7.21
N CYS B 89 -8.67 -17.83 -7.76
CA CYS B 89 -8.74 -18.00 -9.20
C CYS B 89 -9.05 -16.67 -9.81
N ALA B 90 -10.09 -16.01 -9.30
CA ALA B 90 -10.47 -14.70 -9.80
C ALA B 90 -10.81 -13.84 -8.59
N GLU B 91 -10.09 -12.73 -8.45
CA GLU B 91 -10.48 -11.74 -7.46
C GLU B 91 -11.72 -11.07 -8.00
N THR B 92 -12.60 -10.66 -7.09
CA THR B 92 -13.79 -9.85 -7.43
C THR B 92 -13.79 -8.57 -6.64
N PHE B 93 -14.33 -7.51 -7.23
CA PHE B 93 -14.49 -6.26 -6.51
C PHE B 93 -15.30 -6.49 -5.25
N MET B 94 -16.33 -7.34 -5.35
CA MET B 94 -17.24 -7.58 -4.22
C MET B 94 -16.51 -8.18 -3.02
N ASP B 95 -15.59 -9.10 -3.27
CA ASP B 95 -14.88 -9.79 -2.16
C ASP B 95 -13.51 -9.20 -1.82
N ASN B 96 -13.17 -8.06 -2.39
CA ASN B 96 -11.91 -7.38 -2.13
C ASN B 96 -11.96 -6.63 -0.79
N THR B 97 -12.05 -7.42 0.28
CA THR B 97 -12.32 -6.92 1.61
C THR B 97 -11.21 -7.33 2.52
N GLU B 98 -11.13 -6.68 3.65
CA GLU B 98 -10.11 -7.00 4.62
C GLU B 98 -10.19 -8.45 5.12
N PRO B 99 -11.39 -8.96 5.49
CA PRO B 99 -11.35 -10.35 5.96
C PRO B 99 -10.85 -11.33 4.90
N HIS B 100 -11.22 -11.11 3.66
CA HIS B 100 -10.90 -12.02 2.61
C HIS B 100 -9.41 -11.98 2.27
N ILE B 101 -8.89 -10.77 2.18
CA ILE B 101 -7.50 -10.55 1.84
C ILE B 101 -6.61 -11.12 2.94
N ARG B 102 -6.96 -10.83 4.19
CA ARG B 102 -6.23 -11.37 5.34
C ARG B 102 -6.31 -12.91 5.33
N GLY B 103 -7.49 -13.46 5.07
CA GLY B 103 -7.61 -14.91 4.90
C GLY B 103 -6.60 -15.46 3.91
N ASN B 104 -6.49 -14.85 2.73
CA ASN B 104 -5.60 -15.42 1.73
C ASN B 104 -4.12 -15.22 2.09
N VAL B 105 -3.79 -14.09 2.69
CA VAL B 105 -2.42 -13.85 3.14
C VAL B 105 -2.04 -14.86 4.23
N ARG B 106 -2.94 -15.08 5.17
CA ARG B 106 -2.71 -16.04 6.23
C ARG B 106 -2.53 -17.46 5.68
N ALA B 107 -3.36 -17.88 4.74
CA ALA B 107 -3.26 -19.22 4.17
C ALA B 107 -1.94 -19.45 3.44
N LEU B 108 -1.45 -18.43 2.74
CA LEU B 108 -0.13 -18.51 2.10
C LEU B 108 1.00 -18.59 3.14
N LEU B 109 0.95 -17.73 4.15
CA LEU B 109 1.92 -17.80 5.23
C LEU B 109 1.95 -19.16 5.93
N GLN B 110 0.79 -19.70 6.22
CA GLN B 110 0.64 -21.02 6.85
C GLN B 110 1.27 -22.12 5.99
N MET B 111 0.90 -22.11 4.72
CA MET B 111 1.50 -23.05 3.77
C MET B 111 3.02 -22.89 3.69
N ALA B 112 3.51 -21.66 3.64
CA ALA B 112 4.92 -21.40 3.42
C ALA B 112 5.82 -21.92 4.55
N VAL B 113 5.35 -21.83 5.79
CA VAL B 113 6.20 -22.28 6.91
C VAL B 113 6.39 -23.79 6.83
N VAL B 114 5.33 -24.50 6.50
CA VAL B 114 5.35 -25.95 6.37
C VAL B 114 6.27 -26.38 5.22
N LEU B 115 6.12 -25.74 4.06
CA LEU B 115 6.96 -25.99 2.90
C LEU B 115 8.44 -25.65 3.15
N THR B 116 8.69 -24.55 3.85
CA THR B 116 10.06 -24.19 4.22
C THR B 116 10.71 -25.31 5.05
N TYR B 117 10.00 -25.83 6.03
CA TYR B 117 10.56 -26.85 6.89
C TYR B 117 10.82 -28.10 6.08
N GLY B 118 9.85 -28.47 5.26
CA GLY B 118 9.98 -29.66 4.42
C GLY B 118 11.07 -29.54 3.37
N ALA B 119 11.17 -28.37 2.72
CA ALA B 119 12.22 -28.17 1.71
C ALA B 119 13.59 -27.92 2.29
N SER B 120 13.67 -27.50 3.55
CA SER B 120 14.92 -27.06 4.15
C SER B 120 15.56 -25.95 3.35
N MET B 121 14.75 -25.06 2.77
CA MET B 121 15.26 -23.88 2.09
C MET B 121 14.19 -22.81 2.05
N PRO B 122 14.55 -21.59 1.67
CA PRO B 122 13.54 -20.53 1.70
C PRO B 122 12.42 -20.73 0.67
N VAL B 123 11.25 -20.20 1.01
CA VAL B 123 10.08 -20.25 0.16
C VAL B 123 9.80 -18.81 -0.23
N VAL B 124 9.74 -18.59 -1.54
CA VAL B 124 9.34 -17.31 -2.12
C VAL B 124 7.83 -17.37 -2.25
N LYS B 125 7.15 -16.35 -1.72
CA LYS B 125 5.70 -16.28 -1.67
C LYS B 125 5.18 -15.27 -2.66
N VAL B 126 4.42 -15.75 -3.63
CA VAL B 126 3.82 -14.90 -4.62
C VAL B 126 2.33 -15.13 -4.60
N ALA B 127 1.59 -14.10 -4.23
CA ALA B 127 0.14 -14.19 -4.19
C ALA B 127 -0.47 -13.90 -5.56
N ARG B 128 -1.53 -14.61 -5.90
CA ARG B 128 -2.41 -14.18 -6.99
C ARG B 128 -3.34 -13.17 -6.36
N ILE B 129 -3.02 -11.90 -6.50
CA ILE B 129 -3.73 -10.88 -5.77
C ILE B 129 -3.40 -9.54 -6.37
N ALA B 130 -4.24 -8.55 -6.06
CA ALA B 130 -3.98 -7.17 -6.45
C ALA B 130 -3.88 -7.05 -7.98
N GLY B 131 -4.78 -7.73 -8.68
CA GLY B 131 -4.85 -7.58 -10.14
C GLY B 131 -5.40 -8.74 -10.94
N GLN B 132 -5.81 -9.80 -10.27
CA GLN B 132 -6.30 -10.99 -10.97
C GLN B 132 -7.80 -10.90 -11.27
N TYR B 133 -8.09 -10.00 -12.20
CA TYR B 133 -9.44 -9.56 -12.48
C TYR B 133 -9.89 -9.85 -13.92
N ALA B 134 -9.06 -10.53 -14.69
CA ALA B 134 -9.39 -10.78 -16.08
C ALA B 134 -9.17 -12.24 -16.37
N LYS B 135 -10.09 -12.86 -17.11
CA LYS B 135 -9.84 -14.23 -17.58
C LYS B 135 -10.20 -14.46 -19.04
N PRO B 136 -9.53 -15.44 -19.68
CA PRO B 136 -9.89 -15.79 -21.04
C PRO B 136 -11.14 -16.66 -21.01
N ARG B 137 -11.77 -16.81 -22.17
CA ARG B 137 -12.84 -17.77 -22.33
C ARG B 137 -12.71 -18.50 -23.66
N SER B 138 -12.97 -19.79 -23.69
CA SER B 138 -12.97 -20.49 -24.96
C SER B 138 -14.25 -20.15 -25.76
N ALA B 139 -15.37 -19.90 -25.09
CA ALA B 139 -16.64 -19.52 -25.77
C ALA B 139 -17.09 -18.10 -25.42
N ASP B 140 -17.54 -17.31 -26.40
CA ASP B 140 -18.01 -15.96 -26.07
C ASP B 140 -19.43 -15.95 -25.54
N ILE B 141 -20.16 -17.06 -25.74
CA ILE B 141 -21.49 -17.18 -25.17
C ILE B 141 -21.50 -18.34 -24.20
N ASP B 142 -21.95 -18.09 -22.99
CA ASP B 142 -21.87 -19.08 -21.93
C ASP B 142 -23.09 -20.01 -21.94
N ALA B 143 -23.22 -20.82 -20.91
CA ALA B 143 -24.23 -21.87 -20.86
C ALA B 143 -25.65 -21.34 -20.69
N LEU B 144 -25.80 -20.08 -20.30
CA LEU B 144 -27.11 -19.44 -20.19
C LEU B 144 -27.47 -18.62 -21.42
N GLY B 145 -26.63 -18.66 -22.44
CA GLY B 145 -26.84 -17.88 -23.64
C GLY B 145 -26.39 -16.43 -23.52
N LEU B 146 -25.73 -16.10 -22.40
CA LEU B 146 -25.22 -14.74 -22.16
C LEU B 146 -23.77 -14.62 -22.63
N ARG B 147 -23.37 -13.39 -22.95
CA ARG B 147 -21.96 -13.14 -23.23
C ARG B 147 -21.18 -13.55 -21.99
N SER B 148 -20.05 -14.21 -22.18
CA SER B 148 -19.36 -14.83 -21.07
C SER B 148 -18.81 -13.80 -20.10
N TYR B 149 -18.84 -14.13 -18.82
CA TYR B 149 -18.08 -13.37 -17.81
C TYR B 149 -16.59 -13.52 -18.02
N ARG B 150 -15.89 -12.41 -18.11
CA ARG B 150 -14.46 -12.45 -18.36
C ARG B 150 -13.68 -11.82 -17.22
N GLY B 151 -14.31 -11.68 -16.05
CA GLY B 151 -13.65 -11.09 -14.87
C GLY B 151 -13.98 -9.62 -14.71
N ASP B 152 -13.89 -9.14 -13.48
CA ASP B 152 -14.36 -7.82 -13.12
C ASP B 152 -13.64 -6.66 -13.77
N MET B 153 -12.47 -6.89 -14.35
CA MET B 153 -11.81 -5.83 -15.13
C MET B 153 -12.52 -5.60 -16.47
N ILE B 154 -13.39 -6.52 -16.86
CA ILE B 154 -14.01 -6.50 -18.20
C ILE B 154 -15.52 -6.33 -18.13
N ASN B 155 -16.18 -7.20 -17.37
CA ASN B 155 -17.61 -7.15 -17.25
C ASN B 155 -18.06 -7.74 -15.93
N GLY B 156 -19.37 -7.92 -15.75
CA GLY B 156 -19.90 -8.35 -14.48
C GLY B 156 -20.31 -9.81 -14.42
N PHE B 157 -20.20 -10.38 -13.24
CA PHE B 157 -20.58 -11.77 -13.00
C PHE B 157 -22.09 -12.00 -13.08
N ALA B 158 -22.88 -10.98 -12.73
CA ALA B 158 -24.32 -11.13 -12.69
C ALA B 158 -24.84 -11.68 -14.02
N PRO B 159 -25.80 -12.60 -13.96
CA PRO B 159 -26.28 -13.24 -15.18
C PRO B 159 -27.36 -12.42 -15.87
N ASP B 160 -27.02 -11.21 -16.31
CA ASP B 160 -27.91 -10.45 -17.20
C ASP B 160 -27.09 -9.71 -18.25
N ALA B 161 -27.73 -9.51 -19.40
CA ALA B 161 -27.08 -9.00 -20.58
C ALA B 161 -26.32 -7.70 -20.33
N ALA B 162 -26.96 -6.77 -19.64
CA ALA B 162 -26.39 -5.45 -19.47
C ALA B 162 -25.10 -5.53 -18.63
N ALA B 163 -25.11 -6.39 -17.63
CA ALA B 163 -23.96 -6.54 -16.76
C ALA B 163 -22.78 -7.17 -17.51
N ARG B 164 -23.07 -7.92 -18.57
CA ARG B 164 -22.06 -8.61 -19.35
C ARG B 164 -21.47 -7.77 -20.45
N GLU B 165 -21.99 -6.56 -20.63
CA GLU B 165 -21.36 -5.66 -21.58
C GLU B 165 -19.97 -5.30 -21.10
N HIS B 166 -19.03 -5.20 -22.03
CA HIS B 166 -17.66 -4.83 -21.70
C HIS B 166 -17.56 -3.34 -21.36
N ASP B 167 -16.97 -3.03 -20.21
CA ASP B 167 -17.04 -1.68 -19.67
C ASP B 167 -15.67 -1.20 -19.33
N PRO B 168 -15.12 -0.27 -20.13
CA PRO B 168 -13.74 0.21 -19.93
C PRO B 168 -13.49 0.87 -18.60
N SER B 169 -14.56 1.37 -17.95
CA SER B 169 -14.40 1.96 -16.62
C SER B 169 -13.87 0.94 -15.59
N ARG B 170 -14.09 -0.34 -15.87
CA ARG B 170 -13.56 -1.41 -15.02
C ARG B 170 -12.03 -1.48 -15.00
N LEU B 171 -11.37 -0.86 -15.97
CA LEU B 171 -9.93 -0.77 -15.94
C LEU B 171 -9.49 0.08 -14.74
N VAL B 172 -10.16 1.21 -14.54
CA VAL B 172 -9.81 2.09 -13.43
C VAL B 172 -10.29 1.50 -12.12
N ARG B 173 -11.48 0.91 -12.14
CA ARG B 173 -12.00 0.27 -10.97
C ARG B 173 -11.10 -0.88 -10.52
N ALA B 174 -10.58 -1.62 -11.48
CA ALA B 174 -9.65 -2.71 -11.16
C ALA B 174 -8.36 -2.19 -10.52
N TYR B 175 -7.81 -1.11 -11.04
CA TYR B 175 -6.64 -0.49 -10.41
C TYR B 175 -6.95 -0.04 -8.95
N ALA B 176 -8.13 0.55 -8.74
CA ALA B 176 -8.49 1.05 -7.43
C ALA B 176 -8.52 -0.13 -6.45
N ASN B 177 -9.12 -1.23 -6.89
CA ASN B 177 -9.20 -2.40 -6.05
C ASN B 177 -7.83 -3.04 -5.83
N ALA B 178 -7.01 -3.05 -6.85
CA ALA B 178 -5.71 -3.65 -6.76
C ALA B 178 -4.80 -2.86 -5.80
N SER B 179 -4.80 -1.55 -5.90
CA SER B 179 -3.92 -0.70 -5.07
C SER B 179 -4.36 -0.76 -3.62
N ALA B 180 -5.67 -0.80 -3.37
CA ALA B 180 -6.21 -1.00 -2.02
C ALA B 180 -5.79 -2.34 -1.41
N ALA B 181 -5.93 -3.41 -2.18
CA ALA B 181 -5.53 -4.72 -1.72
C ALA B 181 -4.04 -4.75 -1.44
N MET B 182 -3.21 -4.19 -2.34
CA MET B 182 -1.76 -4.22 -2.18
C MET B 182 -1.32 -3.46 -0.95
N ASN B 183 -1.93 -2.32 -0.71
CA ASN B 183 -1.65 -1.58 0.51
C ASN B 183 -1.86 -2.46 1.75
N LEU B 184 -2.95 -3.20 1.79
CA LEU B 184 -3.27 -4.02 2.91
C LEU B 184 -2.29 -5.18 3.00
N VAL B 185 -1.92 -5.78 1.86
CA VAL B 185 -0.97 -6.90 1.87
C VAL B 185 0.33 -6.43 2.47
N ARG B 186 0.75 -5.22 2.15
CA ARG B 186 2.00 -4.70 2.71
C ARG B 186 1.88 -4.49 4.21
N ALA B 187 0.76 -3.93 4.67
CA ALA B 187 0.55 -3.71 6.09
C ALA B 187 0.54 -5.04 6.80
N LEU B 188 -0.12 -6.03 6.21
CA LEU B 188 -0.25 -7.32 6.84
C LEU B 188 1.05 -8.11 6.94
N THR B 189 1.94 -7.98 5.98
CA THR B 189 3.14 -8.79 6.02
C THR B 189 4.15 -8.20 6.97
N SER B 190 3.99 -6.94 7.39
CA SER B 190 4.85 -6.42 8.46
C SER B 190 4.11 -6.27 9.80
N SER B 191 2.95 -6.90 9.94
CA SER B 191 2.21 -7.03 11.20
C SER B 191 2.58 -8.32 11.97
N GLY B 192 1.85 -8.58 13.04
CA GLY B 192 2.05 -9.80 13.82
C GLY B 192 1.76 -11.07 13.03
N LEU B 193 1.18 -10.89 11.84
CA LEU B 193 0.77 -11.97 10.98
C LEU B 193 2.02 -12.62 10.45
N ALA B 194 3.10 -11.84 10.38
CA ALA B 194 4.41 -12.29 9.92
C ALA B 194 5.07 -13.31 10.86
N SER B 195 4.84 -13.16 12.16
CA SER B 195 5.55 -13.99 13.15
C SER B 195 5.36 -15.49 12.93
N LEU B 196 6.46 -16.22 12.83
CA LEU B 196 6.38 -17.66 12.59
C LEU B 196 5.61 -18.43 13.64
N HIS B 197 5.72 -18.03 14.90
CA HIS B 197 5.03 -18.73 15.95
C HIS B 197 3.52 -18.59 15.82
N LEU B 198 3.06 -17.37 15.56
CA LEU B 198 1.62 -17.15 15.38
C LEU B 198 1.10 -18.05 14.29
N VAL B 199 1.71 -17.87 13.11
CA VAL B 199 1.30 -18.58 11.91
C VAL B 199 1.33 -20.08 12.15
N HIS B 200 2.37 -20.61 12.84
CA HIS B 200 2.42 -22.05 13.03
C HIS B 200 1.40 -22.61 14.06
N ASP B 201 1.05 -21.87 15.09
CA ASP B 201 -0.04 -22.33 16.01
C ASP B 201 -1.39 -22.51 15.31
N TRP B 202 -1.64 -21.67 14.31
CA TRP B 202 -2.74 -21.91 13.40
C TRP B 202 -2.66 -23.30 12.79
N ASN B 203 -1.48 -23.70 12.35
CA ASN B 203 -1.34 -25.02 11.74
C ASN B 203 -1.61 -26.14 12.75
N ARG B 204 -1.24 -25.89 13.98
CA ARG B 204 -1.49 -26.86 15.04
C ARG B 204 -2.97 -26.94 15.44
N GLU B 205 -3.71 -25.83 15.37
CA GLU B 205 -5.19 -25.88 15.47
C GLU B 205 -5.80 -26.66 14.30
N PHE B 206 -5.23 -26.48 13.11
CA PHE B 206 -5.70 -27.22 11.94
C PHE B 206 -5.52 -28.71 12.13
N VAL B 207 -4.38 -29.09 12.71
CA VAL B 207 -4.08 -30.49 12.98
C VAL B 207 -5.04 -31.11 14.00
N ARG B 208 -5.46 -30.30 14.97
CA ARG B 208 -6.38 -30.76 16.01
C ARG B 208 -7.80 -30.98 15.49
N THR B 209 -8.25 -30.16 14.56
CA THR B 209 -9.63 -30.23 14.09
C THR B 209 -9.83 -31.01 12.78
N SER B 210 -8.77 -31.25 12.02
CA SER B 210 -8.88 -32.01 10.76
C SER B 210 -9.31 -33.44 11.02
N PRO B 211 -10.16 -34.01 10.15
CA PRO B 211 -10.43 -35.44 10.25
C PRO B 211 -9.22 -36.34 9.98
N ALA B 212 -8.22 -35.88 9.22
CA ALA B 212 -6.99 -36.65 9.00
C ALA B 212 -5.81 -36.09 9.79
N GLY B 213 -6.11 -35.29 10.82
CA GLY B 213 -5.09 -34.59 11.61
C GLY B 213 -3.98 -35.47 12.14
N ALA B 214 -4.34 -36.64 12.66
CA ALA B 214 -3.36 -37.56 13.20
C ALA B 214 -2.26 -37.88 12.17
N ARG B 215 -2.61 -37.76 10.91
CA ARG B 215 -1.69 -38.01 9.79
C ARG B 215 -0.60 -36.93 9.67
N TYR B 216 -0.96 -35.70 10.01
CA TYR B 216 -0.04 -34.55 9.90
C TYR B 216 0.56 -34.15 11.24
N GLU B 217 0.15 -34.85 12.30
CA GLU B 217 0.53 -34.45 13.66
C GLU B 217 2.04 -34.50 13.87
N ALA B 218 2.68 -35.52 13.32
CA ALA B 218 4.12 -35.71 13.51
C ALA B 218 4.91 -34.57 12.93
N LEU B 219 4.59 -34.19 11.68
CA LEU B 219 5.29 -33.10 11.03
C LEU B 219 4.97 -31.78 11.71
N ALA B 220 3.72 -31.61 12.15
CA ALA B 220 3.35 -30.37 12.83
C ALA B 220 4.15 -30.15 14.13
N THR B 221 4.32 -31.23 14.87
CA THR B 221 5.09 -31.22 16.13
C THR B 221 6.56 -30.97 15.84
N GLU B 222 7.07 -31.64 14.82
CA GLU B 222 8.44 -31.46 14.39
C GLU B 222 8.77 -30.00 14.02
N ILE B 223 7.83 -29.37 13.33
CA ILE B 223 7.95 -27.96 13.01
C ILE B 223 7.95 -27.11 14.29
N ASP B 224 7.05 -27.41 15.20
CA ASP B 224 6.95 -26.65 16.43
C ASP B 224 8.26 -26.75 17.24
N ARG B 225 8.80 -27.97 17.33
CA ARG B 225 10.12 -28.19 17.97
C ARG B 225 11.25 -27.48 17.25
N GLY B 226 11.16 -27.39 15.93
CA GLY B 226 12.13 -26.63 15.18
C GLY B 226 12.06 -25.17 15.51
N LEU B 227 10.84 -24.64 15.59
CA LEU B 227 10.71 -23.23 15.91
C LEU B 227 11.19 -22.94 17.33
N ARG B 228 10.89 -23.85 18.25
CA ARG B 228 11.30 -23.68 19.65
C ARG B 228 12.82 -23.77 19.82
N PHE B 229 13.45 -24.64 19.03
CA PHE B 229 14.90 -24.77 18.99
C PHE B 229 15.54 -23.45 18.56
N MET B 230 14.97 -22.85 17.51
CA MET B 230 15.47 -21.60 16.95
C MET B 230 15.47 -20.56 18.04
N SER B 231 14.35 -20.48 18.71
CA SER B 231 14.20 -19.60 19.84
C SER B 231 15.16 -19.93 20.98
N ALA B 232 15.40 -21.21 21.25
CA ALA B 232 16.37 -21.63 22.28
C ALA B 232 17.81 -21.23 21.96
N CYS B 233 18.14 -21.15 20.66
CA CYS B 233 19.47 -20.78 20.22
C CYS B 233 19.65 -19.25 20.24
N GLY B 234 18.62 -18.51 20.63
CA GLY B 234 18.73 -17.05 20.77
C GLY B 234 18.21 -16.26 19.58
N VAL B 235 17.58 -16.92 18.62
CA VAL B 235 16.99 -16.24 17.48
C VAL B 235 15.66 -15.61 17.88
N ALA B 236 15.66 -14.28 18.05
CA ALA B 236 14.45 -13.51 18.26
C ALA B 236 13.76 -13.24 16.92
N ASP B 237 12.43 -13.13 16.98
CA ASP B 237 11.60 -12.72 15.83
C ASP B 237 12.00 -11.31 15.34
N ARG B 238 12.47 -10.47 16.28
CA ARG B 238 13.02 -9.15 15.96
C ARG B 238 14.10 -9.16 14.87
N ASN B 239 14.85 -10.26 14.75
CA ASN B 239 15.99 -10.34 13.82
C ASN B 239 15.92 -11.48 12.79
N LEU B 240 14.75 -11.69 12.18
CA LEU B 240 14.58 -12.68 11.08
C LEU B 240 14.41 -11.96 9.72
N GLN B 241 14.43 -12.73 8.63
CA GLN B 241 13.96 -12.22 7.33
C GLN B 241 12.43 -12.00 7.40
N THR B 242 12.00 -10.74 7.58
CA THR B 242 10.56 -10.40 7.65
C THR B 242 9.81 -10.61 6.31
N ALA B 243 8.55 -11.01 6.43
CA ALA B 243 7.78 -11.62 5.35
C ALA B 243 7.64 -10.69 4.14
N GLU B 244 7.94 -11.21 2.96
CA GLU B 244 7.67 -10.54 1.72
C GLU B 244 6.64 -11.41 0.99
N ILE B 245 5.51 -10.84 0.62
CA ILE B 245 4.57 -11.49 -0.27
C ILE B 245 4.46 -10.61 -1.50
N TYR B 246 4.76 -11.20 -2.65
CA TYR B 246 4.73 -10.49 -3.92
C TYR B 246 3.37 -10.63 -4.54
N ALA B 247 3.08 -9.75 -5.50
CA ALA B 247 1.78 -9.73 -6.19
C ALA B 247 1.93 -10.19 -7.64
N SER B 248 0.99 -11.00 -8.10
CA SER B 248 1.04 -11.52 -9.46
C SER B 248 -0.36 -11.64 -9.98
N HIS B 249 -0.50 -11.61 -11.30
CA HIS B 249 -1.72 -12.00 -11.95
C HIS B 249 -1.40 -12.42 -13.38
N GLU B 250 -2.35 -13.03 -14.09
CA GLU B 250 -2.21 -13.22 -15.55
C GLU B 250 -2.24 -11.89 -16.27
N ALA B 251 -1.19 -11.57 -17.04
CA ALA B 251 -1.19 -10.41 -17.90
C ALA B 251 -2.08 -10.73 -19.11
N LEU B 252 -3.34 -10.29 -19.04
CA LEU B 252 -4.32 -10.67 -20.07
C LEU B 252 -4.82 -9.45 -20.82
N VAL B 253 -5.30 -8.44 -20.09
CA VAL B 253 -5.83 -7.23 -20.74
C VAL B 253 -4.71 -6.26 -21.04
N LEU B 254 -4.36 -6.13 -22.31
CA LEU B 254 -3.21 -5.34 -22.68
C LEU B 254 -3.45 -3.85 -22.49
N ASP B 255 -4.69 -3.40 -22.61
CA ASP B 255 -4.99 -2.00 -22.25
C ASP B 255 -4.58 -1.70 -20.78
N TYR B 256 -4.79 -2.64 -19.87
CA TYR B 256 -4.44 -2.43 -18.47
C TYR B 256 -2.93 -2.51 -18.31
N GLU B 257 -2.34 -3.59 -18.82
CA GLU B 257 -0.87 -3.77 -18.66
C GLU B 257 -0.04 -2.66 -19.25
N ARG B 258 -0.41 -2.17 -20.43
CA ARG B 258 0.35 -1.11 -21.08
C ARG B 258 0.23 0.21 -20.36
N ALA B 259 -0.93 0.48 -19.78
CA ALA B 259 -1.12 1.70 -19.01
C ALA B 259 -0.34 1.69 -17.71
N MET B 260 -0.05 0.50 -17.18
CA MET B 260 0.70 0.42 -15.94
C MET B 260 2.23 0.29 -16.11
N LEU B 261 2.72 0.40 -17.34
CA LEU B 261 4.15 0.41 -17.62
C LEU B 261 4.75 1.68 -17.10
N ARG B 262 5.92 1.56 -16.52
CA ARG B 262 6.70 2.71 -16.11
C ARG B 262 8.17 2.50 -16.46
N LEU B 263 8.83 3.57 -16.86
CA LEU B 263 10.23 3.55 -17.21
C LEU B 263 11.05 3.68 -15.96
N SER B 264 11.93 2.74 -15.69
CA SER B 264 12.78 2.79 -14.50
C SER B 264 13.83 3.87 -14.66
N ASP B 265 14.29 4.42 -13.53
CA ASP B 265 15.31 5.51 -13.51
C ASP B 265 16.72 5.15 -14.08
N GLY B 269 22.55 -0.35 -15.85
CA GLY B 269 21.74 0.75 -15.36
C GLY B 269 20.91 1.39 -16.45
N GLU B 270 20.81 0.72 -17.60
CA GLU B 270 20.04 1.23 -18.72
C GLU B 270 18.56 1.30 -18.38
N PRO B 271 17.86 2.31 -18.87
CA PRO B 271 16.44 2.44 -18.57
C PRO B 271 15.67 1.26 -19.16
N GLN B 272 14.72 0.72 -18.41
CA GLN B 272 13.92 -0.41 -18.88
C GLN B 272 12.46 -0.23 -18.52
N LEU B 273 11.59 -0.94 -19.24
CA LEU B 273 10.17 -0.87 -19.02
C LEU B 273 9.78 -1.93 -18.00
N PHE B 274 9.14 -1.49 -16.94
CA PHE B 274 8.62 -2.36 -15.92
C PHE B 274 7.09 -2.22 -15.92
N ASP B 275 6.40 -3.36 -15.88
CA ASP B 275 4.96 -3.37 -15.66
C ASP B 275 4.75 -3.28 -14.16
N LEU B 276 4.25 -2.13 -13.70
CA LEU B 276 4.09 -1.89 -12.25
C LEU B 276 2.67 -2.12 -11.75
N SER B 277 1.94 -2.99 -12.44
CA SER B 277 0.65 -3.44 -12.00
C SER B 277 0.86 -4.64 -11.07
N ALA B 278 2.06 -5.15 -11.02
CA ALA B 278 2.35 -6.36 -10.27
C ALA B 278 3.85 -6.52 -10.14
N HIS B 279 4.30 -7.54 -9.42
CA HIS B 279 5.74 -7.86 -9.41
C HIS B 279 6.13 -8.83 -10.50
N THR B 280 5.33 -9.87 -10.67
CA THR B 280 5.47 -10.85 -11.74
C THR B 280 4.08 -11.16 -12.35
N VAL B 281 4.08 -11.52 -13.64
CA VAL B 281 2.88 -11.87 -14.39
C VAL B 281 3.16 -13.08 -15.26
N TRP B 282 2.11 -13.80 -15.65
CA TRP B 282 2.26 -14.95 -16.50
C TRP B 282 1.33 -14.85 -17.67
N ILE B 283 1.67 -15.59 -18.72
CA ILE B 283 0.87 -15.64 -19.93
CA ILE B 283 0.88 -15.64 -19.93
C ILE B 283 0.19 -17.00 -19.95
N GLY B 284 -1.12 -16.99 -20.14
CA GLY B 284 -1.91 -18.22 -20.10
C GLY B 284 -1.92 -19.03 -21.40
N GLU B 285 -2.48 -20.22 -21.32
CA GLU B 285 -2.58 -21.13 -22.46
C GLU B 285 -3.25 -20.51 -23.69
N ARG B 286 -4.22 -19.62 -23.51
CA ARG B 286 -5.03 -19.18 -24.65
C ARG B 286 -4.46 -17.94 -25.26
N THR B 287 -3.40 -17.39 -24.65
CA THR B 287 -2.79 -16.14 -25.13
C THR B 287 -1.30 -16.23 -25.37
N ARG B 288 -0.75 -17.42 -25.28
CA ARG B 288 0.68 -17.65 -25.49
C ARG B 288 1.13 -17.87 -26.94
N GLN B 289 0.38 -17.38 -27.90
CA GLN B 289 0.77 -17.51 -29.31
C GLN B 289 2.16 -16.96 -29.47
N ILE B 290 3.05 -17.74 -30.09
CA ILE B 290 4.48 -17.42 -30.06
C ILE B 290 4.80 -16.08 -30.72
N ASP B 291 4.02 -15.71 -31.73
CA ASP B 291 4.17 -14.46 -32.46
C ASP B 291 3.07 -13.46 -32.12
N GLY B 292 2.45 -13.66 -30.96
CA GLY B 292 1.33 -12.88 -30.46
C GLY B 292 1.76 -11.67 -29.64
N ALA B 293 0.80 -10.81 -29.32
CA ALA B 293 1.14 -9.59 -28.61
C ALA B 293 1.56 -9.90 -27.16
N HIS B 294 1.00 -10.95 -26.55
CA HIS B 294 1.24 -11.20 -25.10
C HIS B 294 2.66 -11.63 -24.89
N ILE B 295 3.11 -12.60 -25.69
CA ILE B 295 4.54 -13.02 -25.60
C ILE B 295 5.44 -11.87 -26.00
N ALA B 296 5.07 -11.11 -27.02
CA ALA B 296 5.92 -9.95 -27.40
C ALA B 296 5.93 -8.91 -26.30
N PHE B 297 4.80 -8.72 -25.63
CA PHE B 297 4.75 -7.77 -24.49
C PHE B 297 5.66 -8.25 -23.36
N ALA B 298 5.61 -9.53 -23.08
CA ALA B 298 6.48 -10.10 -22.05
C ALA B 298 7.95 -9.90 -22.38
N GLN B 299 8.32 -9.87 -23.66
CA GLN B 299 9.72 -9.68 -24.03
C GLN B 299 10.17 -8.26 -23.83
N VAL B 300 9.25 -7.30 -23.82
CA VAL B 300 9.67 -5.92 -23.63
C VAL B 300 9.83 -5.55 -22.15
N ILE B 301 9.05 -6.17 -21.28
CA ILE B 301 9.07 -5.77 -19.88
C ILE B 301 10.21 -6.45 -19.10
N ALA B 302 10.63 -5.81 -18.02
CA ALA B 302 11.75 -6.28 -17.20
C ALA B 302 11.32 -7.23 -16.14
N ASN B 303 10.02 -7.30 -15.84
CA ASN B 303 9.56 -8.20 -14.77
C ASN B 303 9.91 -9.65 -15.06
N PRO B 304 10.06 -10.48 -14.00
CA PRO B 304 9.99 -11.92 -14.19
C PRO B 304 8.65 -12.33 -14.73
N VAL B 305 8.64 -13.33 -15.59
CA VAL B 305 7.43 -13.80 -16.22
C VAL B 305 7.33 -15.30 -16.22
N GLY B 306 6.10 -15.79 -16.37
CA GLY B 306 5.81 -17.19 -16.51
C GLY B 306 4.99 -17.42 -17.76
N VAL B 307 5.05 -18.65 -18.26
CA VAL B 307 4.15 -19.17 -19.34
C VAL B 307 3.57 -20.47 -18.92
N LYS B 308 2.24 -20.60 -19.05
CA LYS B 308 1.55 -21.86 -18.77
C LYS B 308 1.74 -22.82 -19.96
N LEU B 309 2.03 -24.08 -19.64
CA LEU B 309 2.37 -25.11 -20.61
C LEU B 309 1.42 -26.28 -20.42
N GLY B 310 0.54 -26.49 -21.38
CA GLY B 310 -0.46 -27.54 -21.27
C GLY B 310 -0.03 -28.78 -22.01
N PRO B 311 -0.93 -29.76 -22.09
CA PRO B 311 -0.62 -31.05 -22.68
C PRO B 311 -0.31 -31.08 -24.19
N ASN B 312 -0.52 -30.02 -24.94
CA ASN B 312 -0.12 -30.04 -26.37
C ASN B 312 1.23 -29.39 -26.55
N MET B 313 1.88 -29.06 -25.44
CA MET B 313 3.20 -28.45 -25.49
CA MET B 313 3.19 -28.42 -25.52
C MET B 313 4.20 -29.42 -26.06
N THR B 314 5.07 -28.94 -26.95
CA THR B 314 6.16 -29.73 -27.44
C THR B 314 7.45 -29.27 -26.78
N PRO B 315 8.45 -30.15 -26.73
CA PRO B 315 9.74 -29.73 -26.26
C PRO B 315 10.29 -28.60 -27.09
N GLU B 316 10.06 -28.63 -28.40
CA GLU B 316 10.64 -27.62 -29.30
C GLU B 316 10.05 -26.24 -29.07
N LEU B 317 8.73 -26.15 -28.95
CA LEU B 317 8.10 -24.84 -28.65
C LEU B 317 8.54 -24.29 -27.28
N ALA B 318 8.70 -25.17 -26.31
CA ALA B 318 9.15 -24.75 -24.95
C ALA B 318 10.46 -24.07 -25.07
N VAL B 319 11.37 -24.71 -25.83
CA VAL B 319 12.65 -24.11 -26.10
C VAL B 319 12.54 -22.72 -26.78
N GLU B 320 11.62 -22.58 -27.72
CA GLU B 320 11.46 -21.29 -28.40
C GLU B 320 10.98 -20.19 -27.40
N TYR B 321 10.08 -20.54 -26.49
CA TYR B 321 9.66 -19.61 -25.42
C TYR B 321 10.87 -19.20 -24.59
N VAL B 322 11.68 -20.19 -24.22
CA VAL B 322 12.85 -19.92 -23.39
C VAL B 322 13.82 -18.97 -24.09
N GLU B 323 14.02 -19.17 -25.39
CA GLU B 323 14.99 -18.36 -26.12
C GLU B 323 14.48 -16.97 -26.41
N ARG B 324 13.18 -16.85 -26.63
CA ARG B 324 12.55 -15.52 -26.80
C ARG B 324 12.42 -14.74 -25.49
N LEU B 325 12.10 -15.44 -24.41
CA LEU B 325 11.77 -14.80 -23.13
C LEU B 325 12.92 -14.70 -22.15
N ASP B 326 13.94 -15.53 -22.33
CA ASP B 326 15.14 -15.36 -21.55
C ASP B 326 16.32 -15.23 -22.47
N PRO B 327 16.33 -14.19 -23.35
CA PRO B 327 17.40 -14.17 -24.34
C PRO B 327 18.80 -14.01 -23.76
N HIS B 328 18.92 -13.38 -22.60
CA HIS B 328 20.21 -13.14 -21.98
C HIS B 328 20.63 -14.18 -20.95
N ASN B 329 19.92 -15.30 -20.85
CA ASN B 329 20.27 -16.32 -19.86
C ASN B 329 20.37 -15.79 -18.42
N LYS B 330 19.22 -15.34 -17.87
CA LYS B 330 19.13 -14.82 -16.52
C LYS B 330 18.27 -15.79 -15.72
N PRO B 331 18.91 -16.61 -14.89
CA PRO B 331 18.13 -17.56 -14.09
C PRO B 331 16.97 -16.89 -13.37
N GLY B 332 15.81 -17.53 -13.37
CA GLY B 332 14.67 -16.99 -12.70
C GLY B 332 13.83 -16.00 -13.49
N ARG B 333 14.34 -15.47 -14.63
CA ARG B 333 13.58 -14.50 -15.44
C ARG B 333 12.33 -15.15 -15.94
N LEU B 334 12.44 -16.43 -16.28
CA LEU B 334 11.36 -17.19 -16.83
C LEU B 334 11.01 -18.37 -15.96
N THR B 335 9.71 -18.53 -15.78
CA THR B 335 9.12 -19.66 -15.10
C THR B 335 8.27 -20.37 -16.12
N LEU B 336 8.43 -21.70 -16.20
CA LEU B 336 7.60 -22.53 -17.07
C LEU B 336 6.66 -23.32 -16.20
N VAL B 337 5.36 -23.09 -16.39
CA VAL B 337 4.35 -23.59 -15.50
C VAL B 337 3.64 -24.78 -16.13
N SER B 338 3.99 -25.96 -15.67
CA SER B 338 3.46 -27.21 -16.17
C SER B 338 2.07 -27.43 -15.64
N ARG B 339 1.11 -27.60 -16.56
CA ARG B 339 -0.29 -27.89 -16.24
C ARG B 339 -0.76 -29.03 -17.15
N MET B 340 -0.29 -30.25 -16.90
CA MET B 340 -0.61 -31.41 -17.74
C MET B 340 -1.66 -32.46 -17.32
N GLY B 341 -2.36 -32.27 -16.19
CA GLY B 341 -3.31 -33.29 -15.77
C GLY B 341 -2.54 -34.40 -15.07
N ASN B 342 -3.11 -34.96 -14.01
CA ASN B 342 -2.35 -35.90 -13.20
C ASN B 342 -2.01 -37.18 -13.96
N HIS B 343 -2.86 -37.56 -14.91
N HIS B 343 -2.87 -37.59 -14.90
CA HIS B 343 -2.70 -38.78 -15.67
CA HIS B 343 -2.65 -38.82 -15.66
C HIS B 343 -1.72 -38.63 -16.82
C HIS B 343 -1.53 -38.65 -16.68
N LYS B 344 -1.22 -37.42 -17.06
CA LYS B 344 -0.27 -37.15 -18.18
C LYS B 344 1.05 -36.54 -17.76
N VAL B 345 1.08 -35.93 -16.59
CA VAL B 345 2.28 -35.18 -16.23
C VAL B 345 3.54 -36.06 -16.36
N ARG B 346 3.44 -37.30 -15.91
CA ARG B 346 4.58 -38.22 -15.93
C ARG B 346 5.10 -38.56 -17.32
N ASP B 347 4.22 -38.65 -18.31
CA ASP B 347 4.65 -38.94 -19.70
C ASP B 347 5.05 -37.68 -20.46
N LEU B 348 4.32 -36.59 -20.28
CA LEU B 348 4.49 -35.40 -21.12
C LEU B 348 5.61 -34.48 -20.68
N LEU B 349 5.82 -34.39 -19.36
CA LEU B 349 6.77 -33.42 -18.87
C LEU B 349 8.26 -33.75 -19.11
N PRO B 350 8.70 -35.01 -18.91
CA PRO B 350 10.15 -35.26 -19.05
C PRO B 350 10.81 -34.79 -20.33
N PRO B 351 10.19 -35.04 -21.50
CA PRO B 351 10.93 -34.58 -22.69
C PRO B 351 10.97 -33.05 -22.83
N ILE B 352 10.01 -32.34 -22.25
CA ILE B 352 10.07 -30.88 -22.25
C ILE B 352 11.24 -30.46 -21.35
N VAL B 353 11.30 -31.03 -20.16
CA VAL B 353 12.37 -30.68 -19.20
C VAL B 353 13.77 -30.96 -19.77
N GLU B 354 13.96 -32.18 -20.28
CA GLU B 354 15.25 -32.55 -20.88
C GLU B 354 15.69 -31.57 -21.96
N LYS B 355 14.80 -31.25 -22.87
CA LYS B 355 15.13 -30.37 -23.99
C LYS B 355 15.47 -28.94 -23.53
N VAL B 356 14.66 -28.40 -22.62
CA VAL B 356 14.95 -27.08 -22.11
C VAL B 356 16.27 -27.06 -21.34
N GLN B 357 16.50 -28.07 -20.51
CA GLN B 357 17.73 -28.12 -19.70
C GLN B 357 18.96 -28.18 -20.60
N ALA B 358 18.85 -28.87 -21.72
CA ALA B 358 19.98 -28.96 -22.66
C ALA B 358 20.40 -27.61 -23.23
N THR B 359 19.50 -26.62 -23.22
CA THR B 359 19.82 -25.29 -23.75
C THR B 359 20.80 -24.50 -22.89
N GLY B 360 21.03 -24.96 -21.67
CA GLY B 360 21.86 -24.19 -20.74
C GLY B 360 21.17 -23.02 -20.03
N HIS B 361 19.89 -22.75 -20.35
CA HIS B 361 19.13 -21.70 -19.62
C HIS B 361 18.59 -22.34 -18.36
N GLN B 362 18.37 -21.53 -17.33
CA GLN B 362 17.84 -22.05 -16.06
C GLN B 362 16.49 -21.45 -15.79
N VAL B 363 15.47 -22.20 -16.08
CA VAL B 363 14.12 -21.71 -15.81
C VAL B 363 13.69 -22.21 -14.46
N ILE B 364 12.63 -21.66 -13.90
CA ILE B 364 11.96 -22.32 -12.80
C ILE B 364 10.93 -23.25 -13.39
N TRP B 365 10.89 -24.48 -12.89
CA TRP B 365 9.86 -25.45 -13.22
C TRP B 365 8.90 -25.42 -12.06
N GLN B 366 7.65 -25.04 -12.37
CA GLN B 366 6.59 -24.85 -11.40
C GLN B 366 5.40 -25.70 -11.83
N CYS B 367 4.83 -26.36 -10.86
CA CYS B 367 3.65 -27.20 -11.08
C CYS B 367 2.39 -26.43 -10.79
N ASP B 368 1.49 -26.38 -11.77
CA ASP B 368 0.12 -25.95 -11.58
C ASP B 368 -0.74 -27.18 -11.70
N PRO B 369 -1.10 -27.80 -10.56
CA PRO B 369 -1.86 -29.04 -10.56
C PRO B 369 -3.36 -28.83 -10.62
N MET B 370 -3.81 -27.62 -10.94
CA MET B 370 -5.24 -27.35 -10.88
C MET B 370 -5.88 -27.37 -12.27
N HIS B 371 -5.29 -26.63 -13.21
CA HIS B 371 -5.96 -26.32 -14.50
C HIS B 371 -6.00 -27.48 -15.44
N GLY B 372 -5.15 -28.46 -15.22
CA GLY B 372 -5.18 -29.70 -15.98
C GLY B 372 -6.14 -30.73 -15.43
N ASN B 373 -6.69 -30.49 -14.23
CA ASN B 373 -7.56 -31.50 -13.59
C ASN B 373 -8.95 -31.01 -13.17
N THR B 374 -9.64 -30.33 -14.06
CA THR B 374 -11.00 -29.87 -13.74
C THR B 374 -12.05 -30.65 -14.53
N HIS B 375 -13.18 -30.93 -13.88
CA HIS B 375 -14.32 -31.64 -14.48
C HIS B 375 -15.65 -31.09 -13.94
N GLU B 376 -16.74 -31.39 -14.63
CA GLU B 376 -18.07 -30.94 -14.20
C GLU B 376 -18.81 -32.01 -13.40
N SER B 377 -19.19 -31.68 -12.15
CA SER B 377 -19.92 -32.63 -11.28
C SER B 377 -21.32 -32.93 -11.83
N SER B 378 -21.99 -33.94 -11.27
CA SER B 378 -23.36 -34.29 -11.67
C SER B 378 -24.36 -33.19 -11.27
N THR B 379 -24.04 -32.46 -10.20
CA THR B 379 -24.89 -31.39 -9.66
C THR B 379 -24.75 -30.02 -10.39
N GLY B 380 -23.90 -29.95 -11.43
CA GLY B 380 -23.74 -28.73 -12.25
C GLY B 380 -22.48 -27.91 -12.02
N PHE B 381 -21.96 -27.93 -10.79
CA PHE B 381 -20.79 -27.13 -10.41
C PHE B 381 -19.51 -27.69 -11.03
N LYS B 382 -18.72 -26.82 -11.66
CA LYS B 382 -17.39 -27.20 -12.15
C LYS B 382 -16.43 -27.42 -10.95
N THR B 383 -15.69 -28.52 -10.98
CA THR B 383 -14.94 -28.94 -9.81
C THR B 383 -13.65 -29.70 -10.12
N ARG B 384 -12.88 -29.93 -9.07
CA ARG B 384 -11.59 -30.62 -9.17
C ARG B 384 -11.51 -31.56 -7.99
N HIS B 385 -10.85 -32.70 -8.16
CA HIS B 385 -10.67 -33.59 -7.03
C HIS B 385 -9.29 -33.39 -6.41
N PHE B 386 -9.28 -33.23 -5.09
CA PHE B 386 -8.07 -33.06 -4.30
C PHE B 386 -7.00 -34.11 -4.62
N ASP B 387 -7.41 -35.36 -4.77
CA ASP B 387 -6.47 -36.44 -5.02
C ASP B 387 -5.78 -36.33 -6.35
N ARG B 388 -6.49 -35.85 -7.38
CA ARG B 388 -5.84 -35.60 -8.68
C ARG B 388 -4.83 -34.42 -8.58
N ILE B 389 -5.22 -33.36 -7.88
CA ILE B 389 -4.35 -32.19 -7.66
C ILE B 389 -3.07 -32.68 -6.97
N VAL B 390 -3.24 -33.44 -5.89
CA VAL B 390 -2.07 -33.96 -5.17
C VAL B 390 -1.26 -34.88 -6.05
N ASP B 391 -1.92 -35.71 -6.86
CA ASP B 391 -1.20 -36.67 -7.69
C ASP B 391 -0.41 -35.98 -8.79
N GLU B 392 -0.90 -34.85 -9.28
CA GLU B 392 -0.13 -34.17 -10.30
C GLU B 392 1.16 -33.67 -9.67
N VAL B 393 1.09 -33.08 -8.48
CA VAL B 393 2.30 -32.56 -7.83
C VAL B 393 3.30 -33.72 -7.58
N GLN B 394 2.77 -34.83 -7.10
CA GLN B 394 3.54 -36.04 -6.92
C GLN B 394 4.26 -36.45 -8.23
N GLY B 395 3.52 -36.53 -9.32
CA GLY B 395 4.11 -36.82 -10.63
C GLY B 395 5.18 -35.84 -11.08
N PHE B 396 4.94 -34.57 -10.82
CA PHE B 396 5.88 -33.52 -11.15
C PHE B 396 7.20 -33.74 -10.40
N PHE B 397 7.10 -34.10 -9.12
CA PHE B 397 8.28 -34.35 -8.30
C PHE B 397 9.00 -35.60 -8.85
N GLU B 398 8.26 -36.65 -9.20
CA GLU B 398 8.90 -37.86 -9.78
C GLU B 398 9.68 -37.55 -11.02
N VAL B 399 9.09 -36.74 -11.90
CA VAL B 399 9.74 -36.36 -13.15
C VAL B 399 11.10 -35.69 -12.91
N HIS B 400 11.11 -34.73 -12.00
CA HIS B 400 12.30 -33.99 -11.71
C HIS B 400 13.34 -34.84 -10.97
N ARG B 401 12.89 -35.69 -10.06
N ARG B 401 12.87 -35.67 -10.05
CA ARG B 401 13.82 -36.54 -9.32
CA ARG B 401 13.76 -36.59 -9.31
C ARG B 401 14.52 -37.53 -10.25
C ARG B 401 14.53 -37.47 -10.30
N ALA B 402 13.81 -38.05 -11.25
CA ALA B 402 14.40 -38.93 -12.28
C ALA B 402 15.41 -38.21 -13.15
N LEU B 403 15.17 -36.93 -13.42
CA LEU B 403 16.08 -36.16 -14.25
C LEU B 403 17.17 -35.46 -13.47
N GLY B 404 17.05 -35.44 -12.14
CA GLY B 404 17.97 -34.65 -11.32
C GLY B 404 17.79 -33.14 -11.45
N THR B 405 16.64 -32.69 -11.98
CA THR B 405 16.35 -31.26 -12.11
C THR B 405 15.60 -30.77 -10.84
N HIS B 406 15.34 -29.47 -10.75
CA HIS B 406 14.75 -28.92 -9.52
C HIS B 406 13.24 -28.74 -9.67
N PRO B 407 12.46 -29.48 -8.86
CA PRO B 407 11.08 -29.15 -8.78
C PRO B 407 10.95 -27.83 -8.03
N GLY B 408 10.67 -26.75 -8.75
CA GLY B 408 10.88 -25.39 -8.25
C GLY B 408 9.78 -24.77 -7.42
N GLY B 409 8.54 -25.25 -7.61
CA GLY B 409 7.41 -24.61 -7.00
C GLY B 409 6.07 -25.17 -7.38
N ILE B 410 5.03 -24.61 -6.75
CA ILE B 410 3.63 -24.88 -7.11
C ILE B 410 2.88 -23.57 -7.32
N HIS B 411 1.83 -23.65 -8.13
CA HIS B 411 0.98 -22.53 -8.40
C HIS B 411 -0.41 -23.10 -8.19
N VAL B 412 -1.07 -22.67 -7.11
CA VAL B 412 -2.36 -23.19 -6.72
C VAL B 412 -3.41 -22.11 -6.60
N GLU B 413 -4.66 -22.51 -6.72
CA GLU B 413 -5.78 -21.64 -6.46
C GLU B 413 -6.42 -22.04 -5.16
N ILE B 414 -6.43 -21.10 -4.24
CA ILE B 414 -6.76 -21.32 -2.85
C ILE B 414 -7.45 -20.09 -2.26
N THR B 415 -8.09 -20.32 -1.12
CA THR B 415 -8.59 -19.21 -0.32
C THR B 415 -8.57 -19.55 1.16
N GLY B 416 -8.41 -18.54 1.98
CA GLY B 416 -8.49 -18.70 3.41
C GLY B 416 -9.90 -18.86 3.96
N GLU B 417 -10.90 -19.01 3.10
CA GLU B 417 -12.26 -19.32 3.54
C GLU B 417 -12.59 -20.80 3.47
N ASN B 418 -13.53 -21.22 4.31
CA ASN B 418 -13.98 -22.59 4.36
C ASN B 418 -15.06 -22.85 3.30
N VAL B 419 -14.71 -22.60 2.04
CA VAL B 419 -15.60 -22.83 0.91
C VAL B 419 -15.71 -24.34 0.64
N THR B 420 -16.62 -24.70 -0.26
CA THR B 420 -16.85 -26.08 -0.69
C THR B 420 -16.83 -26.08 -2.23
N GLU B 421 -15.62 -26.17 -2.78
CA GLU B 421 -15.42 -26.00 -4.23
C GLU B 421 -14.67 -27.14 -4.92
N CYS B 422 -13.65 -27.67 -4.25
CA CYS B 422 -12.94 -28.86 -4.72
C CYS B 422 -13.36 -30.06 -3.87
N LEU B 423 -13.56 -31.18 -4.54
CA LEU B 423 -13.95 -32.41 -3.85
C LEU B 423 -12.80 -33.02 -3.06
N GLY B 424 -13.13 -33.76 -2.02
CA GLY B 424 -12.13 -34.55 -1.29
C GLY B 424 -11.45 -33.72 -0.21
N GLY B 425 -10.17 -34.05 0.03
CA GLY B 425 -9.45 -33.62 1.22
C GLY B 425 -9.89 -34.43 2.44
N ALA B 426 -9.23 -34.22 3.56
CA ALA B 426 -9.65 -34.83 4.84
C ALA B 426 -11.12 -34.57 5.22
N GLN B 427 -11.68 -33.42 4.82
CA GLN B 427 -13.11 -33.13 5.02
C GLN B 427 -14.04 -33.96 4.13
N ASP B 428 -13.46 -34.68 3.18
CA ASP B 428 -14.21 -35.50 2.22
C ASP B 428 -15.41 -34.74 1.65
N ILE B 429 -15.13 -33.60 1.03
CA ILE B 429 -16.15 -32.80 0.36
C ILE B 429 -16.74 -33.59 -0.82
N SER B 430 -18.06 -33.76 -0.81
CA SER B 430 -18.77 -34.48 -1.86
C SER B 430 -19.50 -33.54 -2.81
N GLU B 431 -20.05 -34.09 -3.88
CA GLU B 431 -20.83 -33.30 -4.85
C GLU B 431 -21.98 -32.58 -4.14
N THR B 432 -22.63 -33.27 -3.21
CA THR B 432 -23.72 -32.70 -2.41
C THR B 432 -23.27 -31.46 -1.67
N ASP B 433 -22.11 -31.53 -1.03
CA ASP B 433 -21.58 -30.42 -0.22
C ASP B 433 -21.25 -29.20 -1.06
N LEU B 434 -20.87 -29.42 -2.33
CA LEU B 434 -20.52 -28.33 -3.25
C LEU B 434 -21.52 -27.18 -3.32
N ALA B 435 -22.81 -27.49 -3.20
CA ALA B 435 -23.88 -26.48 -3.27
C ALA B 435 -23.93 -25.51 -2.08
N GLY B 436 -23.49 -25.96 -0.92
CA GLY B 436 -23.64 -25.15 0.30
C GLY B 436 -22.76 -23.91 0.35
N ARG B 437 -21.48 -24.05 -0.05
CA ARG B 437 -20.54 -22.91 0.01
C ARG B 437 -19.63 -22.75 -1.22
N TYR B 438 -20.26 -22.55 -2.37
CA TYR B 438 -19.55 -22.43 -3.63
C TYR B 438 -19.54 -20.93 -3.95
N GLU B 439 -18.39 -20.29 -3.83
CA GLU B 439 -18.36 -18.83 -3.86
C GLU B 439 -17.48 -18.26 -4.96
N THR B 440 -16.64 -19.11 -5.58
CA THR B 440 -15.73 -18.65 -6.65
C THR B 440 -16.47 -18.02 -7.85
N ALA B 441 -15.90 -16.94 -8.39
CA ALA B 441 -16.37 -16.32 -9.62
C ALA B 441 -15.92 -17.12 -10.85
N CYS B 442 -15.18 -18.21 -10.65
CA CYS B 442 -14.59 -18.94 -11.77
C CYS B 442 -14.22 -20.36 -11.31
N ASP B 443 -12.95 -20.73 -11.35
CA ASP B 443 -12.56 -22.10 -11.04
C ASP B 443 -12.62 -22.38 -9.53
N PRO B 444 -12.82 -23.65 -9.15
CA PRO B 444 -12.89 -24.07 -7.75
C PRO B 444 -11.56 -23.99 -7.05
N ARG B 445 -11.57 -23.36 -5.88
CA ARG B 445 -10.36 -23.17 -5.09
C ARG B 445 -10.28 -24.19 -3.98
N LEU B 446 -9.06 -24.57 -3.63
CA LEU B 446 -8.86 -25.33 -2.42
C LEU B 446 -9.24 -24.41 -1.27
N ASN B 447 -10.04 -24.90 -0.34
CA ASN B 447 -10.37 -24.09 0.82
C ASN B 447 -9.17 -24.06 1.79
N THR B 448 -9.30 -23.37 2.91
CA THR B 448 -8.18 -23.20 3.79
C THR B 448 -7.63 -24.54 4.31
N GLN B 449 -8.51 -25.48 4.66
CA GLN B 449 -8.06 -26.78 5.13
C GLN B 449 -7.37 -27.61 4.05
N GLN B 450 -7.91 -27.60 2.84
CA GLN B 450 -7.32 -28.34 1.74
C GLN B 450 -5.96 -27.77 1.33
N SER B 451 -5.86 -26.45 1.35
CA SER B 451 -4.62 -25.80 0.98
C SER B 451 -3.54 -26.17 1.99
N LEU B 452 -3.91 -26.19 3.27
CA LEU B 452 -3.00 -26.56 4.33
C LEU B 452 -2.56 -28.00 4.20
N GLU B 453 -3.53 -28.86 3.93
CA GLU B 453 -3.27 -30.28 3.81
C GLU B 453 -2.32 -30.50 2.65
N LEU B 454 -2.54 -29.80 1.55
CA LEU B 454 -1.63 -29.94 0.42
C LEU B 454 -0.19 -29.53 0.80
N ALA B 455 -0.05 -28.45 1.56
CA ALA B 455 1.30 -28.02 1.96
C ALA B 455 1.98 -29.12 2.76
N PHE B 456 1.27 -29.75 3.68
CA PHE B 456 1.81 -30.87 4.42
C PHE B 456 2.24 -31.99 3.47
N LEU B 457 1.38 -32.32 2.51
CA LEU B 457 1.64 -33.40 1.58
C LEU B 457 2.82 -33.08 0.73
N VAL B 458 2.92 -31.83 0.31
CA VAL B 458 4.03 -31.44 -0.53
C VAL B 458 5.32 -31.36 0.27
N ALA B 459 5.22 -30.96 1.52
CA ALA B 459 6.39 -30.97 2.40
C ALA B 459 6.99 -32.39 2.48
N GLU B 460 6.12 -33.41 2.55
CA GLU B 460 6.63 -34.78 2.57
C GLU B 460 7.29 -35.19 1.26
N MET B 461 6.79 -34.70 0.13
CA MET B 461 7.43 -34.98 -1.16
C MET B 461 8.81 -34.35 -1.18
N LEU B 462 8.88 -33.13 -0.67
CA LEU B 462 10.13 -32.43 -0.51
C LEU B 462 11.11 -33.17 0.42
N ARG B 463 10.59 -33.80 1.47
CA ARG B 463 11.44 -34.55 2.40
C ARG B 463 11.99 -35.85 1.77
N ASP B 464 11.14 -36.65 1.10
CA ASP B 464 11.50 -37.95 0.49
C ASP B 464 12.43 -37.85 -0.73
S SO4 C . -4.98 25.34 11.78
O1 SO4 C . -4.04 25.28 12.90
O2 SO4 C . -6.24 24.73 12.19
O3 SO4 C . -5.14 26.78 11.48
O4 SO4 C . -4.39 24.60 10.67
CL CL D . -10.34 33.92 -1.84
MN MN E . -2.01 24.71 5.80
CL CL F . -26.63 8.47 10.65
N DTY G . -4.97 11.21 -9.75
CA DTY G . -6.17 10.38 -9.26
C DTY G . -7.44 11.20 -9.43
O DTY G . -8.48 10.73 -8.84
CB DTY G . -6.22 9.24 -10.18
CG DTY G . -6.70 7.97 -9.47
CD1 DTY G . -7.69 7.24 -10.10
CD2 DTY G . -6.13 7.53 -8.30
CE1 DTY G . -8.15 6.07 -9.52
CE2 DTY G . -6.60 6.36 -7.71
CZ DTY G . -7.59 5.63 -8.34
OH DTY G . -8.02 4.48 -7.78
OXT DTY G . -7.48 12.19 -10.11
S SO4 H . -4.39 -21.59 -18.02
O1 SO4 H . -4.85 -20.94 -16.78
O2 SO4 H . -5.47 -22.45 -18.50
O3 SO4 H . -4.01 -20.56 -19.01
O4 SO4 H . -3.19 -22.39 -17.69
S SO4 I . -14.37 -21.32 -20.91
O1 SO4 I . -15.15 -20.30 -21.66
O2 SO4 I . -15.08 -21.75 -19.69
O3 SO4 I . -13.05 -20.79 -20.52
O4 SO4 I . -14.19 -22.47 -21.83
S SO4 J . 6.42 8.17 -25.75
O1 SO4 J . 7.27 8.61 -24.65
O2 SO4 J . 5.47 7.17 -25.27
O3 SO4 J . 5.63 9.37 -26.20
O4 SO4 J . 7.24 7.48 -26.73
CL CL K . 12.33 1.51 -6.81
MN MN L . -8.19 -20.55 -12.50
CL CL M . -12.29 -12.82 10.07
N DTY N . -15.27 -3.46 -3.50
CA DTY N . -14.89 -2.19 -4.07
C DTY N . -15.67 -1.90 -5.28
O DTY N . -16.88 -2.21 -5.26
CB DTY N . -14.94 -0.98 -3.19
CG DTY N . -13.87 0.02 -3.48
CD1 DTY N . -12.53 -0.36 -3.42
CD2 DTY N . -14.24 1.30 -3.87
CE1 DTY N . -11.53 0.53 -3.73
CE2 DTY N . -13.23 2.20 -4.19
CZ DTY N . -11.90 1.82 -4.11
OH DTY N . -10.94 2.75 -4.40
OXT DTY N . -15.12 -1.35 -6.26
N DTY O . 1.77 4.10 -21.51
CA DTY O . 2.46 3.17 -22.49
C DTY O . 1.60 2.97 -23.77
O DTY O . 0.66 2.15 -23.78
CB DTY O . 3.97 3.40 -22.87
CG DTY O . 4.69 4.33 -21.91
CD1 DTY O . 5.07 5.62 -22.34
CD2 DTY O . 5.18 3.93 -20.65
CE1 DTY O . 5.87 6.47 -21.57
CE2 DTY O . 5.99 4.77 -19.88
CZ DTY O . 6.34 6.04 -20.34
OH DTY O . 7.14 6.88 -19.61
OXT DTY O . 2.13 3.57 -24.86
#